data_6KDA
#
_entry.id   6KDA
#
_cell.length_a   193.872
_cell.length_b   193.872
_cell.length_c   49.741
_cell.angle_alpha   90.000
_cell.angle_beta   90.000
_cell.angle_gamma   120.000
#
_symmetry.space_group_name_H-M   'P 31'
#
loop_
_entity.id
_entity.type
_entity.pdbx_description
1 polymer 'DNA (cytosine-5)-methyltransferase 3B'
2 polymer 'DNA (cytosine-5)-methyltransferase 3-like'
3 polymer 'DNA (25-MER)'
4 non-polymer S-ADENOSYL-L-HOMOCYSTEINE
5 water water
#
loop_
_entity_poly.entity_id
_entity_poly.type
_entity_poly.pdbx_seq_one_letter_code
_entity_poly.pdbx_strand_id
1 'polypeptide(L)'
;GHMRRRPIRVLSLFDGIATGYLVLKELGIKVGKYVASEVCEESIAVGTVKHEGNIKYVNDVRNITKKNIEEWGPFDLVIG
GSPCNDLSNVNPARKGLYEGTGRLFFEFYHLLNYSRPKEGDDRPFFWMFENVVAMKVGDKRDISRFLECNPVMIDAIKVS
AAHRARYFWGNLPGMNRPVIASKNDKLELQDCLEYNRIAKLKKVQTITTKSNSIKQGKNQLFPVVMNGKEDVLWCTELER
IFGFPVHYTDVSNMGRGARQKLLGRSWSVPVIRHLFAPLKDYFACE
;
A,D
2 'polypeptide(L)'
;GHMFETVPVWRRQPVRVLSLFEDIKKELTSLGFLESGSDPGQLKHVVDVTDTVRKDVEEWGPFDLVYGATPPLGHTCDRP
PSWYLFQFHRLLQYARPKPGSPRPFFWMFVDNLVLNKEDLDVASRFLEMEPVTIPDVHGGSLQNAVRVWSNIPAIRSRHW
ALVSEEELSLLAQNKQSSKLAAKWPTKLVKNCFLPLREYFKYFS
;
B,C
3 'polydeoxyribonucleotide'
;(DG)(DA)(DA)(DT)(DT)(DC)(DG)(DG)(DA)(DA)(DA)(DA)(DA)(DT)(DT)(DT)(DT)(DT)(DC)(DC)
(DG)(DA)(DA)(DT)(DT)
;
E,F
#
# COMPACT_ATOMS: atom_id res chain seq x y z
N MET A 3 4.65 27.99 -38.19
CA MET A 3 3.48 28.68 -37.64
C MET A 3 2.83 27.74 -36.65
N ARG A 4 2.89 26.46 -36.98
CA ARG A 4 2.12 25.45 -36.30
C ARG A 4 2.96 24.80 -35.22
N ARG A 5 2.27 24.44 -34.14
CA ARG A 5 2.89 24.00 -32.91
C ARG A 5 3.33 22.55 -32.97
N ARG A 6 4.35 22.23 -32.21
CA ARG A 6 4.93 20.90 -32.09
C ARG A 6 4.78 20.44 -30.64
N PRO A 7 5.03 19.17 -30.29
CA PRO A 7 4.93 18.79 -28.88
C PRO A 7 6.01 19.45 -28.03
N ILE A 8 5.72 19.55 -26.75
CA ILE A 8 6.62 20.20 -25.82
C ILE A 8 7.76 19.24 -25.46
N ARG A 9 8.96 19.79 -25.27
CA ARG A 9 10.14 19.01 -24.89
C ARG A 9 10.59 19.43 -23.50
N VAL A 10 10.59 18.51 -22.55
CA VAL A 10 10.69 18.91 -21.16
C VAL A 10 11.91 18.28 -20.49
N LEU A 11 12.69 19.11 -19.82
CA LEU A 11 13.71 18.68 -18.89
C LEU A 11 13.15 18.91 -17.51
N SER A 12 13.08 17.85 -16.69
CA SER A 12 12.52 17.95 -15.35
C SER A 12 13.52 17.39 -14.36
N LEU A 13 14.00 18.25 -13.45
CA LEU A 13 15.05 17.92 -12.50
C LEU A 13 14.42 17.70 -11.13
N PHE A 14 14.86 16.67 -10.42
CA PHE A 14 14.25 16.34 -9.15
C PHE A 14 12.78 16.00 -9.35
N ASP A 15 12.58 15.02 -10.20
CA ASP A 15 11.26 14.80 -10.78
C ASP A 15 10.28 14.17 -9.79
N GLY A 16 10.76 13.46 -8.78
CA GLY A 16 9.82 12.85 -7.85
C GLY A 16 8.90 11.86 -8.55
N ILE A 17 7.59 12.03 -8.37
CA ILE A 17 6.66 11.09 -8.96
C ILE A 17 6.02 11.66 -10.22
N ALA A 18 6.80 12.42 -10.98
CA ALA A 18 6.46 12.81 -12.33
C ALA A 18 5.21 13.68 -12.43
N THR A 19 4.95 14.50 -11.41
CA THR A 19 3.83 15.44 -11.45
C THR A 19 3.87 16.31 -12.69
N GLY A 20 5.07 16.81 -13.05
CA GLY A 20 5.20 17.57 -14.28
C GLY A 20 4.57 16.89 -15.50
N TYR A 21 4.95 15.63 -15.74
CA TYR A 21 4.39 14.90 -16.88
C TYR A 21 2.89 14.75 -16.74
N LEU A 22 2.44 14.32 -15.56
CA LEU A 22 1.01 14.13 -15.35
C LEU A 22 0.23 15.41 -15.60
N VAL A 23 0.75 16.56 -15.13
CA VAL A 23 -0.04 17.78 -15.33
C VAL A 23 -0.09 18.13 -16.81
N LEU A 24 1.02 17.94 -17.51
CA LEU A 24 1.01 18.19 -18.95
C LEU A 24 -0.01 17.28 -19.64
N LYS A 25 0.00 15.98 -19.32
CA LYS A 25 -0.96 15.05 -19.95
C LYS A 25 -2.39 15.44 -19.63
N GLU A 26 -2.64 15.90 -18.40
CA GLU A 26 -3.98 16.26 -18.00
C GLU A 26 -4.50 17.50 -18.72
N LEU A 27 -3.60 18.40 -19.10
CA LEU A 27 -3.98 19.60 -19.84
C LEU A 27 -4.15 19.35 -21.33
N GLY A 28 -3.80 18.17 -21.83
CA GLY A 28 -3.95 17.90 -23.23
C GLY A 28 -2.78 18.30 -24.09
N ILE A 29 -1.62 18.52 -23.52
CA ILE A 29 -0.44 18.93 -24.26
C ILE A 29 0.30 17.71 -24.76
N LYS A 30 0.61 17.66 -26.05
CA LYS A 30 1.44 16.57 -26.56
C LYS A 30 2.82 16.68 -25.96
N VAL A 31 3.28 15.61 -25.33
CA VAL A 31 4.62 15.62 -24.77
C VAL A 31 5.52 14.82 -25.71
N GLY A 32 6.48 15.50 -26.34
CA GLY A 32 7.39 14.83 -27.24
C GLY A 32 8.59 14.18 -26.56
N LYS A 33 9.12 14.85 -25.54
CA LYS A 33 10.27 14.33 -24.82
C LYS A 33 10.16 14.80 -23.38
N TYR A 34 10.34 13.90 -22.44
CA TYR A 34 10.32 14.27 -21.02
C TYR A 34 11.48 13.56 -20.37
N VAL A 35 12.60 14.27 -20.20
CA VAL A 35 13.80 13.73 -19.57
C VAL A 35 13.73 14.07 -18.10
N ALA A 36 13.79 13.05 -17.24
CA ALA A 36 13.63 13.18 -15.80
C ALA A 36 14.91 12.77 -15.09
N SER A 37 15.33 13.62 -14.17
CA SER A 37 16.49 13.34 -13.33
C SER A 37 15.98 13.07 -11.94
N GLU A 38 16.29 11.90 -11.42
CA GLU A 38 15.68 11.47 -10.17
C GLU A 38 16.43 10.25 -9.69
N VAL A 39 16.59 10.14 -8.39
CA VAL A 39 17.47 9.13 -7.83
C VAL A 39 16.75 8.14 -6.94
N CYS A 40 15.52 8.43 -6.50
CA CYS A 40 14.81 7.55 -5.59
C CYS A 40 14.22 6.42 -6.39
N GLU A 41 14.52 5.18 -6.00
CA GLU A 41 14.07 4.09 -6.84
C GLU A 41 12.56 3.96 -6.86
N GLU A 42 11.87 4.24 -5.73
CA GLU A 42 10.42 4.12 -5.72
C GLU A 42 9.77 5.23 -6.52
N SER A 43 10.29 6.46 -6.47
CA SER A 43 9.72 7.53 -7.31
C SER A 43 9.78 7.14 -8.77
N ILE A 44 10.95 6.69 -9.23
CA ILE A 44 11.13 6.25 -10.60
C ILE A 44 10.14 5.14 -10.93
N ALA A 45 9.95 4.19 -10.03
CA ALA A 45 8.93 3.17 -10.28
C ALA A 45 7.56 3.81 -10.52
N VAL A 46 7.20 4.84 -9.77
CA VAL A 46 5.90 5.45 -9.99
C VAL A 46 5.83 6.05 -11.39
N GLY A 47 6.78 6.91 -11.73
CA GLY A 47 6.76 7.56 -13.03
C GLY A 47 6.81 6.57 -14.19
N THR A 48 7.73 5.59 -14.10
CA THR A 48 7.77 4.52 -15.10
C THR A 48 6.40 3.91 -15.33
N VAL A 49 5.91 3.24 -14.29
CA VAL A 49 4.66 2.49 -14.32
C VAL A 49 3.51 3.39 -14.75
N LYS A 50 3.28 4.48 -14.04
CA LYS A 50 2.07 5.22 -14.25
C LYS A 50 2.05 5.91 -15.63
N HIS A 51 3.21 6.02 -16.27
CA HIS A 51 3.33 6.67 -17.57
C HIS A 51 3.95 5.76 -18.65
N GLU A 52 3.94 4.45 -18.45
CA GLU A 52 4.12 3.50 -19.53
C GLU A 52 5.42 3.75 -20.30
N GLY A 53 6.47 4.15 -19.58
CA GLY A 53 7.79 4.26 -20.19
C GLY A 53 7.99 5.48 -21.04
N ASN A 54 7.11 6.45 -20.96
CA ASN A 54 7.32 7.63 -21.76
C ASN A 54 8.39 8.54 -21.20
N ILE A 55 8.72 8.42 -19.90
CA ILE A 55 9.70 9.30 -19.25
C ILE A 55 11.08 8.71 -19.47
N LYS A 56 12.03 9.55 -19.87
CA LYS A 56 13.41 9.09 -20.07
C LYS A 56 14.16 9.45 -18.82
N TYR A 57 14.49 8.45 -18.01
CA TYR A 57 15.10 8.69 -16.72
C TYR A 57 16.60 8.78 -16.92
N VAL A 58 17.26 9.68 -16.17
CA VAL A 58 18.70 9.88 -16.36
C VAL A 58 19.47 10.00 -15.06
N ASN A 59 18.83 9.69 -13.95
CA ASN A 59 19.54 9.52 -12.68
C ASN A 59 20.11 10.81 -12.12
N ASP A 60 21.25 10.74 -11.42
CA ASP A 60 21.67 11.83 -10.55
C ASP A 60 21.85 13.12 -11.32
N VAL A 61 21.19 14.20 -10.86
CA VAL A 61 21.32 15.49 -11.55
C VAL A 61 22.78 15.91 -11.73
N ARG A 62 23.65 15.54 -10.80
CA ARG A 62 25.01 16.06 -10.86
C ARG A 62 25.89 15.35 -11.89
N ASN A 63 25.35 14.39 -12.64
CA ASN A 63 26.08 13.71 -13.71
C ASN A 63 25.57 14.05 -15.10
N ILE A 64 24.59 14.96 -15.20
CA ILE A 64 24.18 15.50 -16.47
C ILE A 64 25.25 16.47 -16.96
N THR A 65 25.74 16.25 -18.18
CA THR A 65 26.85 17.05 -18.70
C THR A 65 26.38 18.13 -19.68
N LYS A 66 27.27 19.11 -19.94
CA LYS A 66 26.95 20.11 -20.95
C LYS A 66 26.60 19.45 -22.26
N LYS A 67 27.29 18.35 -22.59
CA LYS A 67 26.98 17.66 -23.83
C LYS A 67 25.63 16.97 -23.75
N ASN A 68 25.28 16.45 -22.57
CA ASN A 68 23.97 15.81 -22.42
C ASN A 68 22.84 16.77 -22.74
N ILE A 69 22.90 17.97 -22.17
CA ILE A 69 21.88 18.97 -22.46
C ILE A 69 21.83 19.25 -23.98
N GLU A 70 22.99 19.32 -24.66
CA GLU A 70 22.94 19.52 -26.10
C GLU A 70 22.30 18.32 -26.78
N GLU A 71 22.72 17.11 -26.42
CA GLU A 71 22.25 15.91 -27.13
C GLU A 71 20.77 15.64 -26.89
N TRP A 72 20.36 15.64 -25.62
CA TRP A 72 18.98 15.38 -25.23
C TRP A 72 18.04 16.51 -25.65
N GLY A 73 18.56 17.70 -25.84
CA GLY A 73 17.76 18.82 -26.20
C GLY A 73 17.45 18.85 -27.68
N PRO A 74 16.90 19.97 -28.15
CA PRO A 74 16.51 21.18 -27.40
C PRO A 74 15.40 20.94 -26.45
N PHE A 75 15.22 21.83 -25.49
CA PHE A 75 14.15 21.76 -24.51
C PHE A 75 13.31 23.01 -24.58
N ASP A 76 12.01 22.87 -24.37
CA ASP A 76 11.07 23.98 -24.35
C ASP A 76 10.66 24.38 -22.93
N LEU A 77 10.84 23.48 -21.96
CA LEU A 77 10.38 23.69 -20.60
C LEU A 77 11.38 23.02 -19.66
N VAL A 78 11.93 23.74 -18.69
CA VAL A 78 12.87 23.20 -17.72
C VAL A 78 12.28 23.45 -16.35
N ILE A 79 11.86 22.40 -15.64
CA ILE A 79 11.20 22.56 -14.37
C ILE A 79 11.95 21.78 -13.31
N GLY A 80 11.84 22.22 -12.06
CA GLY A 80 12.41 21.47 -10.95
C GLY A 80 11.99 21.98 -9.58
N GLY A 81 11.96 21.12 -8.57
CA GLY A 81 11.77 21.56 -7.19
C GLY A 81 12.76 20.77 -6.37
N SER A 82 13.83 21.40 -5.94
CA SER A 82 14.94 20.67 -5.33
C SER A 82 14.59 20.31 -3.90
N PRO A 83 15.38 19.46 -3.29
CA PRO A 83 15.04 19.04 -1.94
C PRO A 83 15.01 20.13 -0.89
N CYS A 84 13.91 20.22 -0.17
CA CYS A 84 13.81 21.27 0.82
C CYS A 84 13.93 20.71 2.20
N ASN A 85 14.80 19.75 2.40
CA ASN A 85 14.96 19.20 3.71
C ASN A 85 16.10 19.85 4.45
N ASP A 86 16.93 20.57 3.73
CA ASP A 86 18.02 21.29 4.37
C ASP A 86 17.76 22.79 4.28
N LEU A 87 16.52 23.15 3.97
CA LEU A 87 16.13 24.52 3.82
C LEU A 87 14.92 24.87 4.61
N SER A 88 14.07 23.88 4.85
CA SER A 88 12.81 24.07 5.56
C SER A 88 13.05 24.39 7.04
N ASN A 89 12.07 25.04 7.68
CA ASN A 89 12.19 25.34 9.11
C ASN A 89 12.01 24.11 9.99
N VAL A 90 11.32 23.07 9.49
CA VAL A 90 11.03 21.84 10.28
C VAL A 90 12.31 21.22 10.82
N ASN A 91 13.36 21.19 9.99
CA ASN A 91 14.60 20.51 10.34
C ASN A 91 15.49 21.47 11.13
N PRO A 92 15.69 21.26 12.43
CA PRO A 92 16.69 22.07 13.13
C PRO A 92 18.09 21.78 12.64
N ALA A 93 18.35 20.55 12.22
CA ALA A 93 19.65 20.23 11.65
C ALA A 93 19.72 20.62 10.18
N ARG A 94 19.05 21.71 9.78
CA ARG A 94 19.16 22.18 8.40
C ARG A 94 20.57 22.69 8.13
N LYS A 95 21.09 22.36 6.96
CA LYS A 95 22.44 22.76 6.56
C LYS A 95 22.44 23.93 5.58
N GLY A 96 21.28 24.50 5.28
CA GLY A 96 21.22 25.71 4.50
C GLY A 96 21.37 25.50 3.00
N LEU A 97 21.52 26.63 2.31
CA LEU A 97 21.53 26.62 0.86
C LEU A 97 22.85 26.11 0.29
N TYR A 98 23.96 26.21 1.03
CA TYR A 98 25.26 25.95 0.47
C TYR A 98 25.85 24.64 0.92
N GLU A 99 25.13 23.88 1.76
CA GLU A 99 25.64 22.61 2.24
C GLU A 99 24.53 21.58 2.23
N GLY A 100 24.92 20.34 2.48
CA GLY A 100 23.94 19.27 2.49
C GLY A 100 23.27 19.16 1.13
N THR A 101 21.94 18.96 1.15
CA THR A 101 21.18 18.93 -0.09
C THR A 101 20.71 20.31 -0.54
N GLY A 102 20.89 21.35 0.28
CA GLY A 102 20.49 22.68 -0.17
C GLY A 102 21.13 23.04 -1.49
N ARG A 103 22.43 22.78 -1.61
CA ARG A 103 23.28 23.12 -2.74
C ARG A 103 22.85 22.40 -4.02
N LEU A 104 21.86 21.53 -3.94
CA LEU A 104 21.38 20.94 -5.17
C LEU A 104 20.63 21.96 -6.01
N PHE A 105 20.22 23.08 -5.41
CA PHE A 105 19.56 24.12 -6.17
C PHE A 105 20.46 24.62 -7.30
N PHE A 106 21.72 24.88 -6.98
CA PHE A 106 22.63 25.41 -7.98
C PHE A 106 22.76 24.49 -9.17
N GLU A 107 22.51 23.20 -9.00
CA GLU A 107 22.51 22.31 -10.16
C GLU A 107 21.41 22.68 -11.11
N PHE A 108 20.25 23.05 -10.58
CA PHE A 108 19.17 23.52 -11.41
C PHE A 108 19.56 24.85 -12.08
N TYR A 109 20.09 25.79 -11.29
CA TYR A 109 20.59 27.00 -11.90
C TYR A 109 21.57 26.69 -13.02
N HIS A 110 22.49 25.75 -12.79
CA HIS A 110 23.54 25.42 -13.74
C HIS A 110 22.94 24.89 -15.05
N LEU A 111 22.02 23.94 -14.93
CA LEU A 111 21.51 23.29 -16.13
C LEU A 111 20.46 24.14 -16.82
N LEU A 112 19.73 24.96 -16.06
CA LEU A 112 18.86 25.93 -16.69
C LEU A 112 19.62 26.76 -17.69
N ASN A 113 20.84 27.17 -17.36
CA ASN A 113 21.55 28.03 -18.29
C ASN A 113 22.16 27.27 -19.43
N TYR A 114 22.42 25.98 -19.24
CA TYR A 114 22.88 25.17 -20.36
C TYR A 114 21.79 25.03 -21.40
N SER A 115 20.53 24.93 -20.96
CA SER A 115 19.39 24.62 -21.84
C SER A 115 18.75 25.85 -22.47
N ARG A 116 19.03 27.02 -21.90
CA ARG A 116 18.53 28.27 -22.42
C ARG A 116 19.02 28.47 -23.85
N PRO A 117 18.16 28.92 -24.76
CA PRO A 117 18.65 29.27 -26.10
C PRO A 117 19.49 30.53 -26.01
N LYS A 118 20.36 30.71 -27.01
CA LYS A 118 21.28 31.85 -27.15
C LYS A 118 20.60 33.11 -27.74
N GLU A 119 21.26 34.25 -27.71
CA GLU A 119 20.62 35.40 -28.31
C GLU A 119 20.47 35.11 -29.79
N GLY A 120 19.39 35.56 -30.39
CA GLY A 120 19.12 35.34 -31.79
C GLY A 120 18.14 34.23 -31.95
N ASP A 121 17.95 33.48 -30.89
CA ASP A 121 16.95 32.42 -30.89
C ASP A 121 15.74 33.01 -30.20
N ASP A 122 14.65 33.24 -30.92
CA ASP A 122 13.50 33.86 -30.29
C ASP A 122 12.49 32.79 -29.99
N ARG A 123 12.95 31.55 -29.87
CA ARG A 123 11.99 30.49 -29.75
C ARG A 123 11.48 30.46 -28.32
N PRO A 124 10.27 29.94 -28.11
CA PRO A 124 9.71 29.94 -26.76
C PRO A 124 10.55 29.05 -25.86
N PHE A 125 10.86 29.56 -24.67
CA PHE A 125 11.59 28.79 -23.68
C PHE A 125 10.99 29.12 -22.32
N PHE A 126 10.54 28.10 -21.61
CA PHE A 126 9.86 28.30 -20.34
C PHE A 126 10.55 27.51 -19.23
N TRP A 127 10.51 28.06 -18.01
CA TRP A 127 11.13 27.36 -16.90
C TRP A 127 10.44 27.74 -15.61
N MET A 128 10.55 26.85 -14.62
CA MET A 128 9.94 27.08 -13.33
C MET A 128 10.70 26.33 -12.25
N PHE A 129 10.90 27.00 -11.13
CA PHE A 129 11.54 26.41 -9.98
C PHE A 129 10.68 26.62 -8.74
N GLU A 130 10.47 25.54 -7.96
CA GLU A 130 9.59 25.58 -6.81
C GLU A 130 10.39 25.29 -5.55
N ASN A 131 10.05 25.96 -4.45
CA ASN A 131 10.59 25.55 -3.16
C ASN A 131 9.71 26.06 -2.02
N VAL A 132 10.11 25.71 -0.80
CA VAL A 132 9.25 26.02 0.33
C VAL A 132 9.33 27.50 0.69
N VAL A 133 8.31 27.95 1.40
CA VAL A 133 8.40 29.26 2.02
C VAL A 133 9.14 29.17 3.35
N ALA A 134 9.00 28.07 4.07
CA ALA A 134 9.60 28.00 5.39
C ALA A 134 11.11 27.98 5.32
N MET A 135 11.73 29.09 4.89
CA MET A 135 13.15 29.09 4.56
C MET A 135 13.73 30.43 4.91
N LYS A 136 15.01 30.43 5.30
CA LYS A 136 15.65 31.68 5.70
C LYS A 136 15.58 32.72 4.59
N VAL A 137 15.47 33.99 4.99
CA VAL A 137 15.39 35.07 4.00
C VAL A 137 16.65 35.16 3.14
N GLY A 138 17.83 34.94 3.73
CA GLY A 138 19.04 34.93 2.92
C GLY A 138 19.02 33.88 1.82
N ASP A 139 18.46 32.70 2.11
CA ASP A 139 18.32 31.67 1.08
C ASP A 139 17.33 32.10 0.01
N LYS A 140 16.16 32.60 0.42
CA LYS A 140 15.20 33.14 -0.55
C LYS A 140 15.82 34.26 -1.37
N ARG A 141 16.71 35.06 -0.78
CA ARG A 141 17.31 36.14 -1.54
C ARG A 141 18.30 35.61 -2.57
N ASP A 142 19.16 34.69 -2.16
CA ASP A 142 20.18 34.19 -3.07
C ASP A 142 19.57 33.40 -4.22
N ILE A 143 18.53 32.60 -3.95
CA ILE A 143 17.90 31.90 -5.06
C ILE A 143 17.38 32.89 -6.08
N SER A 144 16.77 33.99 -5.62
CA SER A 144 16.33 35.00 -6.56
C SER A 144 17.49 35.76 -7.16
N ARG A 145 18.70 35.61 -6.61
CA ARG A 145 19.88 36.23 -7.20
C ARG A 145 20.38 35.43 -8.39
N PHE A 146 20.28 34.11 -8.30
CA PHE A 146 20.81 33.21 -9.31
C PHE A 146 19.82 33.04 -10.47
N LEU A 147 18.53 32.97 -10.19
CA LEU A 147 17.50 32.94 -11.22
C LEU A 147 17.11 34.33 -11.70
N GLU A 148 17.62 35.36 -11.05
CA GLU A 148 17.50 36.73 -11.53
C GLU A 148 16.07 37.23 -11.54
N CYS A 149 15.27 36.78 -10.59
CA CYS A 149 13.90 37.21 -10.53
C CYS A 149 13.29 36.80 -9.19
N ASN A 150 12.25 37.42 -8.83
CA ASN A 150 11.58 37.11 -7.58
C ASN A 150 10.46 36.11 -7.78
N PRO A 151 10.07 35.36 -6.75
CA PRO A 151 9.05 34.34 -6.93
C PRO A 151 7.65 34.87 -6.64
N VAL A 152 6.71 34.19 -7.16
CA VAL A 152 5.33 34.28 -6.70
C VAL A 152 5.13 33.23 -5.61
N MET A 153 4.18 33.50 -4.73
CA MET A 153 3.83 32.55 -3.70
C MET A 153 2.38 32.10 -3.92
N ILE A 154 2.21 30.80 -4.15
CA ILE A 154 0.89 30.20 -4.32
C ILE A 154 0.70 29.17 -3.21
N ASP A 155 -0.38 29.31 -2.44
CA ASP A 155 -0.75 28.33 -1.42
C ASP A 155 -1.81 27.39 -1.97
N ALA A 156 -1.56 26.08 -1.89
CA ALA A 156 -2.51 25.11 -2.44
C ALA A 156 -3.88 25.19 -1.78
N ILE A 157 -3.99 25.81 -0.61
CA ILE A 157 -5.26 25.81 0.07
C ILE A 157 -6.33 26.46 -0.76
N LYS A 158 -5.97 27.27 -1.77
CA LYS A 158 -7.00 27.88 -2.62
C LYS A 158 -7.65 26.88 -3.59
N VAL A 159 -7.08 25.70 -3.80
CA VAL A 159 -7.55 24.76 -4.82
C VAL A 159 -7.51 23.31 -4.32
N SER A 160 -7.25 23.10 -3.04
CA SER A 160 -7.12 21.75 -2.52
C SER A 160 -7.62 21.77 -1.09
N ALA A 161 -7.59 20.62 -0.42
CA ALA A 161 -8.02 20.59 0.97
C ALA A 161 -6.87 20.77 1.94
N ALA A 162 -5.69 21.13 1.48
CA ALA A 162 -4.58 21.23 2.40
C ALA A 162 -3.93 22.57 2.24
N HIS A 163 -3.43 23.10 3.36
CA HIS A 163 -2.40 24.12 3.33
C HIS A 163 -1.18 23.59 2.61
N ARG A 164 -0.56 24.41 1.82
CA ARG A 164 0.65 24.07 1.12
C ARG A 164 1.18 25.32 0.48
N ALA A 165 1.96 26.11 1.21
CA ALA A 165 2.50 27.35 0.68
C ALA A 165 3.89 27.16 0.09
N ARG A 166 4.04 27.45 -1.17
CA ARG A 166 5.32 27.30 -1.80
C ARG A 166 5.66 28.50 -2.67
N TYR A 167 6.94 28.71 -2.94
CA TYR A 167 7.47 29.77 -3.80
C TYR A 167 7.68 29.20 -5.18
N PHE A 168 7.34 29.97 -6.21
CA PHE A 168 7.55 29.58 -7.60
C PHE A 168 8.27 30.71 -8.31
N TRP A 169 9.49 30.42 -8.76
CA TRP A 169 10.22 31.29 -9.64
C TRP A 169 10.02 30.82 -11.07
N GLY A 170 10.03 31.74 -12.02
CA GLY A 170 10.00 31.29 -13.40
C GLY A 170 9.51 32.38 -14.33
N ASN A 171 9.31 31.97 -15.60
CA ASN A 171 8.96 32.87 -16.68
C ASN A 171 7.74 32.42 -17.48
N LEU A 172 6.90 31.56 -16.91
CA LEU A 172 5.69 31.19 -17.59
C LEU A 172 4.72 32.38 -17.66
N PRO A 173 3.82 32.37 -18.63
CA PRO A 173 2.79 33.42 -18.70
C PRO A 173 1.84 33.35 -17.52
N GLY A 174 1.52 34.53 -16.99
CA GLY A 174 0.49 34.71 -15.98
C GLY A 174 0.74 34.10 -14.61
N MET A 175 2.00 34.00 -14.18
CA MET A 175 2.27 33.39 -12.88
C MET A 175 1.83 34.27 -11.72
N ASN A 176 1.62 35.57 -11.94
CA ASN A 176 1.20 36.44 -10.85
C ASN A 176 -0.29 36.65 -10.83
N ARG A 177 -1.03 35.99 -11.72
CA ARG A 177 -2.47 36.16 -11.78
C ARG A 177 -3.17 35.51 -10.59
N PRO A 178 -4.43 35.88 -10.35
CA PRO A 178 -5.17 35.31 -9.21
C PRO A 178 -5.44 33.83 -9.40
N VAL A 179 -5.32 33.10 -8.31
CA VAL A 179 -5.63 31.67 -8.28
C VAL A 179 -7.11 31.49 -7.97
N ILE A 180 -7.91 31.08 -8.96
CA ILE A 180 -9.32 30.81 -8.77
C ILE A 180 -9.53 29.32 -8.94
N ALA A 181 -10.31 28.74 -8.04
CA ALA A 181 -10.50 27.30 -8.02
C ALA A 181 -11.36 26.86 -9.20
N SER A 182 -11.18 25.60 -9.58
CA SER A 182 -11.94 25.04 -10.68
C SER A 182 -13.08 24.17 -10.16
N LYS A 183 -13.88 23.73 -11.09
CA LYS A 183 -15.07 22.99 -10.77
C LYS A 183 -14.85 21.67 -10.12
N ASN A 184 -13.84 20.96 -10.58
CA ASN A 184 -13.55 19.63 -10.09
C ASN A 184 -12.64 19.63 -8.88
N ASP A 185 -12.24 20.80 -8.40
CA ASP A 185 -11.32 20.85 -7.28
C ASP A 185 -12.02 20.42 -6.00
N LYS A 186 -11.43 19.44 -5.34
CA LYS A 186 -11.88 18.93 -4.06
C LYS A 186 -11.38 19.88 -2.96
N LEU A 187 -12.20 20.86 -2.61
CA LEU A 187 -11.68 21.94 -1.79
C LEU A 187 -11.77 21.67 -0.30
N GLU A 188 -12.49 20.63 0.12
CA GLU A 188 -12.67 20.32 1.53
C GLU A 188 -12.29 18.87 1.78
N LEU A 189 -11.81 18.61 3.00
CA LEU A 189 -11.36 17.26 3.32
C LEU A 189 -12.44 16.21 3.06
N GLN A 190 -13.71 16.52 3.32
CA GLN A 190 -14.73 15.52 3.07
C GLN A 190 -14.73 15.08 1.63
N ASP A 191 -14.39 15.98 0.71
CA ASP A 191 -14.43 15.64 -0.70
C ASP A 191 -13.44 14.54 -1.06
N CYS A 192 -12.36 14.45 -0.31
CA CYS A 192 -11.29 13.52 -0.59
C CYS A 192 -11.53 12.14 0.03
N LEU A 193 -12.28 12.03 1.14
CA LEU A 193 -12.36 10.82 1.96
C LEU A 193 -13.12 9.66 1.26
N GLU A 194 -12.85 8.43 1.73
CA GLU A 194 -13.54 7.24 1.19
C GLU A 194 -14.92 7.09 1.79
N TYR A 195 -15.66 6.05 1.38
CA TYR A 195 -17.02 5.90 1.87
C TYR A 195 -17.02 5.54 3.35
N ASN A 196 -18.05 6.02 4.09
CA ASN A 196 -18.24 5.73 5.52
C ASN A 196 -17.18 6.38 6.42
N ARG A 197 -16.57 7.45 5.95
CA ARG A 197 -15.62 8.21 6.75
C ARG A 197 -16.04 9.67 6.82
N ILE A 198 -15.81 10.30 7.98
CA ILE A 198 -16.23 11.67 8.27
C ILE A 198 -14.99 12.52 8.52
N ALA A 199 -14.92 13.69 7.88
CA ALA A 199 -13.87 14.64 8.11
C ALA A 199 -14.22 15.52 9.28
N LYS A 200 -13.30 15.66 10.24
CA LYS A 200 -13.50 16.59 11.33
C LYS A 200 -13.34 18.05 10.91
N LEU A 201 -12.37 18.33 10.06
CA LEU A 201 -12.03 19.67 9.55
C LEU A 201 -12.39 19.85 8.09
N LYS A 202 -12.23 21.08 7.63
CA LYS A 202 -12.40 21.33 6.20
C LYS A 202 -11.09 21.39 5.44
N LYS A 203 -10.03 21.86 6.08
CA LYS A 203 -8.69 21.96 5.53
C LYS A 203 -7.67 21.41 6.52
N VAL A 204 -6.74 20.59 6.04
CA VAL A 204 -5.71 20.02 6.90
C VAL A 204 -4.42 20.81 6.79
N GLN A 205 -3.58 20.70 7.81
CA GLN A 205 -2.29 21.37 7.86
C GLN A 205 -1.30 20.77 6.90
N THR A 206 -0.26 21.52 6.55
CA THR A 206 0.69 21.09 5.53
C THR A 206 1.16 19.67 5.77
N ILE A 207 0.98 18.84 4.75
CA ILE A 207 1.38 17.44 4.77
C ILE A 207 2.88 17.33 4.42
N THR A 208 3.62 16.70 5.31
CA THR A 208 5.03 16.43 5.11
C THR A 208 5.23 14.92 4.93
N THR A 209 6.48 14.47 4.91
CA THR A 209 6.75 13.06 4.73
C THR A 209 6.54 12.21 5.98
N LYS A 210 6.29 12.86 7.11
CA LYS A 210 6.12 12.21 8.38
C LYS A 210 4.68 12.03 8.76
N SER A 211 4.41 11.01 9.58
CA SER A 211 3.02 10.74 9.92
C SER A 211 2.44 11.66 10.96
N ASN A 212 3.29 12.46 11.62
CA ASN A 212 2.79 13.44 12.57
C ASN A 212 2.05 14.55 11.80
N SER A 213 2.40 14.82 10.57
CA SER A 213 1.71 15.89 9.85
C SER A 213 0.27 15.59 9.58
N ILE A 214 -0.09 14.33 9.68
CA ILE A 214 -1.51 13.97 9.46
C ILE A 214 -2.39 14.31 10.64
N LYS A 215 -1.88 14.17 11.86
CA LYS A 215 -2.64 14.49 13.03
C LYS A 215 -2.56 15.99 13.28
N GLN A 216 -3.72 16.61 13.47
CA GLN A 216 -3.85 18.05 13.27
C GLN A 216 -3.52 18.90 14.49
N GLY A 217 -2.87 20.04 14.25
CA GLY A 217 -2.70 21.03 15.28
C GLY A 217 -1.60 20.75 16.29
N LYS A 218 -1.66 21.55 17.38
CA LYS A 218 -0.71 21.52 18.49
C LYS A 218 -0.93 20.35 19.45
N ASN A 219 -2.14 19.80 19.47
CA ASN A 219 -2.48 18.67 20.32
C ASN A 219 -2.70 17.36 19.55
N GLN A 220 -2.38 17.35 18.25
CA GLN A 220 -2.25 16.15 17.42
C GLN A 220 -3.54 15.31 17.39
N LEU A 221 -4.55 15.93 16.80
CA LEU A 221 -5.89 15.36 16.65
C LEU A 221 -5.96 14.51 15.36
N PHE A 222 -6.70 13.40 15.45
CA PHE A 222 -6.94 12.57 14.28
C PHE A 222 -7.91 13.29 13.35
N PRO A 223 -7.69 13.22 12.04
CA PRO A 223 -8.52 13.99 11.11
C PRO A 223 -9.86 13.40 10.80
N VAL A 224 -10.07 12.12 11.04
CA VAL A 224 -11.16 11.38 10.44
C VAL A 224 -11.82 10.61 11.55
N VAL A 225 -13.11 10.39 11.42
CA VAL A 225 -13.85 9.46 12.26
C VAL A 225 -14.42 8.41 11.34
N MET A 226 -14.23 7.15 11.68
CA MET A 226 -14.84 6.04 10.96
C MET A 226 -15.51 5.12 11.96
N ASN A 227 -16.78 4.81 11.70
CA ASN A 227 -17.51 3.90 12.56
C ASN A 227 -17.38 4.28 14.04
N GLY A 228 -17.38 5.57 14.33
CA GLY A 228 -17.31 6.01 15.68
C GLY A 228 -15.91 6.16 16.23
N LYS A 229 -14.91 5.50 15.65
CA LYS A 229 -13.56 5.66 16.19
C LYS A 229 -12.73 6.59 15.32
N GLU A 230 -11.75 7.24 15.95
CA GLU A 230 -10.86 8.17 15.27
C GLU A 230 -9.86 7.41 14.43
N ASP A 231 -9.36 8.07 13.38
CA ASP A 231 -8.45 7.46 12.42
C ASP A 231 -7.63 8.51 11.71
N VAL A 232 -6.51 8.09 11.16
CA VAL A 232 -5.73 8.93 10.28
C VAL A 232 -6.18 8.83 8.82
N LEU A 233 -5.51 9.56 7.92
CA LEU A 233 -5.88 9.52 6.51
C LEU A 233 -5.29 8.30 5.86
N TRP A 234 -6.02 7.75 4.89
CA TRP A 234 -5.57 6.65 4.03
C TRP A 234 -4.82 7.18 2.80
N CYS A 235 -4.04 6.32 2.17
CA CYS A 235 -3.22 6.82 1.10
C CYS A 235 -4.03 7.26 -0.11
N THR A 236 -5.13 6.60 -0.42
CA THR A 236 -5.98 7.16 -1.46
C THR A 236 -6.47 8.53 -1.07
N GLU A 237 -6.76 8.75 0.21
CA GLU A 237 -7.21 10.07 0.63
C GLU A 237 -6.10 11.11 0.51
N LEU A 238 -4.84 10.74 0.79
CA LEU A 238 -3.72 11.67 0.61
C LEU A 238 -3.54 12.02 -0.86
N GLU A 239 -3.62 11.00 -1.71
CA GLU A 239 -3.55 11.21 -3.14
C GLU A 239 -4.59 12.22 -3.58
N ARG A 240 -5.80 12.14 -3.01
CA ARG A 240 -6.87 13.05 -3.42
C ARG A 240 -6.62 14.47 -2.93
N ILE A 241 -6.08 14.60 -1.72
CA ILE A 241 -5.76 15.94 -1.22
C ILE A 241 -4.74 16.59 -2.13
N PHE A 242 -3.73 15.85 -2.54
CA PHE A 242 -2.75 16.42 -3.45
C PHE A 242 -3.30 16.54 -4.85
N GLY A 243 -4.39 15.89 -5.19
CA GLY A 243 -4.88 15.97 -6.53
C GLY A 243 -4.29 14.97 -7.51
N PHE A 244 -3.61 13.95 -7.03
CA PHE A 244 -3.20 12.86 -7.90
C PHE A 244 -4.37 11.93 -8.11
N PRO A 245 -4.37 11.17 -9.19
CA PRO A 245 -5.39 10.11 -9.32
C PRO A 245 -5.30 9.12 -8.18
N VAL A 246 -6.42 8.56 -7.79
CA VAL A 246 -6.29 7.59 -6.71
C VAL A 246 -5.45 6.41 -7.22
N HIS A 247 -4.74 5.78 -6.29
CA HIS A 247 -3.79 4.71 -6.54
C HIS A 247 -2.59 5.13 -7.37
N TYR A 248 -2.40 6.42 -7.60
CA TYR A 248 -1.22 6.82 -8.33
C TYR A 248 0.06 6.26 -7.72
N THR A 249 0.11 6.09 -6.40
CA THR A 249 1.31 5.58 -5.77
C THR A 249 1.15 4.18 -5.26
N ASP A 250 0.10 3.47 -5.65
CA ASP A 250 -0.06 2.05 -5.33
C ASP A 250 0.87 1.23 -6.22
N VAL A 251 2.16 1.39 -5.96
CA VAL A 251 3.22 0.86 -6.79
C VAL A 251 4.30 0.26 -5.90
N SER A 252 4.98 -0.76 -6.42
CA SER A 252 6.24 -1.27 -5.90
C SER A 252 6.10 -1.80 -4.47
N ASN A 253 4.96 -2.40 -4.18
CA ASN A 253 4.74 -2.94 -2.85
C ASN A 253 4.90 -1.88 -1.74
N MET A 254 4.88 -0.58 -2.05
CA MET A 254 4.99 0.43 -0.98
C MET A 254 3.79 0.40 -0.05
N GLY A 255 4.03 0.64 1.23
CA GLY A 255 2.99 0.79 2.24
C GLY A 255 2.76 2.25 2.62
N ARG A 256 2.04 2.44 3.74
CA ARG A 256 1.64 3.77 4.26
C ARG A 256 2.82 4.73 4.33
N GLY A 257 3.93 4.29 4.91
CA GLY A 257 5.03 5.20 5.11
C GLY A 257 5.66 5.64 3.83
N ALA A 258 5.88 4.70 2.94
CA ALA A 258 6.54 5.03 1.68
C ALA A 258 5.67 5.93 0.83
N ARG A 259 4.40 5.61 0.70
CA ARG A 259 3.57 6.45 -0.13
C ARG A 259 3.44 7.86 0.45
N GLN A 260 3.37 8.00 1.78
CA GLN A 260 3.31 9.33 2.33
C GLN A 260 4.58 10.11 2.08
N LYS A 261 5.73 9.45 2.05
CA LYS A 261 6.98 10.16 1.77
C LYS A 261 6.98 10.71 0.34
N LEU A 262 6.64 9.89 -0.64
CA LEU A 262 6.54 10.37 -2.01
C LEU A 262 5.53 11.50 -2.11
N LEU A 263 4.35 11.33 -1.51
CA LEU A 263 3.35 12.38 -1.62
C LEU A 263 3.72 13.59 -0.76
N GLY A 264 4.32 13.36 0.38
CA GLY A 264 4.61 14.45 1.29
C GLY A 264 5.57 15.45 0.70
N ARG A 265 6.48 14.98 -0.15
CA ARG A 265 7.44 15.90 -0.75
C ARG A 265 7.07 16.34 -2.15
N SER A 266 5.86 16.05 -2.63
CA SER A 266 5.56 16.34 -4.03
C SER A 266 4.87 17.69 -4.18
N TRP A 267 4.45 17.98 -5.40
CA TRP A 267 3.74 19.21 -5.72
C TRP A 267 2.24 19.03 -5.59
N SER A 268 1.53 20.12 -5.39
CA SER A 268 0.08 19.98 -5.40
C SER A 268 -0.37 20.07 -6.83
N VAL A 269 -1.00 19.02 -7.33
CA VAL A 269 -1.30 18.98 -8.75
C VAL A 269 -2.13 20.17 -9.19
N PRO A 270 -3.21 20.53 -8.51
CA PRO A 270 -3.98 21.70 -8.96
C PRO A 270 -3.16 22.97 -9.06
N VAL A 271 -2.23 23.21 -8.14
CA VAL A 271 -1.41 24.43 -8.20
C VAL A 271 -0.52 24.41 -9.44
N ILE A 272 0.00 23.21 -9.72
CA ILE A 272 0.85 23.04 -10.85
C ILE A 272 0.08 23.18 -12.14
N ARG A 273 -1.12 22.67 -12.21
CA ARG A 273 -1.89 22.80 -13.41
C ARG A 273 -2.15 24.24 -13.75
N HIS A 274 -2.46 25.03 -12.75
CA HIS A 274 -2.72 26.41 -12.92
C HIS A 274 -1.52 27.07 -13.47
N LEU A 275 -0.33 26.68 -13.02
CA LEU A 275 0.87 27.34 -13.51
C LEU A 275 1.17 26.93 -14.95
N PHE A 276 0.99 25.64 -15.27
CA PHE A 276 1.28 25.21 -16.63
C PHE A 276 0.17 25.53 -17.62
N ALA A 277 -1.03 25.81 -17.16
CA ALA A 277 -2.14 25.95 -18.11
C ALA A 277 -1.89 26.95 -19.23
N PRO A 278 -1.29 28.13 -19.00
CA PRO A 278 -0.99 29.03 -20.13
C PRO A 278 -0.11 28.41 -21.20
N LEU A 279 0.45 27.20 -21.02
CA LEU A 279 1.31 26.63 -22.05
C LEU A 279 0.54 26.00 -23.19
N LYS A 280 -0.79 25.80 -23.07
CA LYS A 280 -1.54 25.14 -24.14
C LYS A 280 -1.43 25.88 -25.47
N ASP A 281 -1.22 27.19 -25.43
CA ASP A 281 -1.22 27.97 -26.65
C ASP A 281 0.15 28.06 -27.29
N TYR A 282 1.14 27.28 -26.83
CA TYR A 282 2.48 27.32 -27.42
C TYR A 282 2.92 25.98 -28.00
N PHE A 283 2.25 24.89 -27.67
CA PHE A 283 2.65 23.54 -28.08
C PHE A 283 1.43 22.78 -28.57
N ALA A 284 1.68 21.61 -29.14
CA ALA A 284 0.61 20.82 -29.72
C ALA A 284 -0.34 20.28 -28.66
N CYS A 285 -1.59 20.10 -29.03
CA CYS A 285 -2.62 19.62 -28.15
C CYS A 285 -3.11 18.27 -28.64
N GLU A 286 -3.94 17.61 -27.83
CA GLU A 286 -4.51 16.31 -28.20
C GLU A 286 -5.98 16.40 -28.57
N GLY B 1 35.33 29.49 -21.23
CA GLY B 1 36.59 28.85 -21.55
C GLY B 1 36.73 28.62 -23.06
N HIS B 2 37.52 29.47 -23.75
CA HIS B 2 37.66 29.47 -25.21
C HIS B 2 39.13 29.55 -25.62
N MET B 3 39.45 29.11 -26.85
CA MET B 3 40.78 29.29 -27.43
C MET B 3 40.77 30.53 -28.33
N PHE B 4 41.80 31.38 -28.17
CA PHE B 4 41.88 32.69 -28.82
C PHE B 4 43.15 32.83 -29.63
N GLU B 5 43.01 33.50 -30.77
CA GLU B 5 44.21 33.89 -31.52
C GLU B 5 44.93 35.00 -30.77
N THR B 6 46.24 35.09 -31.00
CA THR B 6 47.04 36.09 -30.33
C THR B 6 47.11 37.38 -31.14
N VAL B 7 47.28 38.48 -30.42
CA VAL B 7 47.13 39.83 -30.95
C VAL B 7 48.51 40.41 -31.23
N PRO B 8 48.72 40.97 -32.43
CA PRO B 8 49.96 41.71 -32.69
C PRO B 8 50.22 42.76 -31.62
N VAL B 9 51.50 43.08 -31.43
CA VAL B 9 51.95 43.87 -30.27
C VAL B 9 51.39 45.29 -30.29
N TRP B 10 51.14 45.85 -31.47
CA TRP B 10 50.67 47.21 -31.60
C TRP B 10 49.17 47.36 -31.40
N ARG B 11 48.44 46.25 -31.42
CA ARG B 11 47.00 46.28 -31.23
C ARG B 11 46.59 46.03 -29.79
N ARG B 12 47.49 45.53 -28.93
CA ARG B 12 47.15 45.21 -27.56
C ARG B 12 46.72 46.45 -26.79
N GLN B 13 45.83 46.25 -25.82
CA GLN B 13 45.19 47.31 -25.05
C GLN B 13 45.32 46.98 -23.58
N PRO B 14 45.12 47.95 -22.69
CA PRO B 14 45.20 47.65 -21.26
C PRO B 14 44.00 46.82 -20.82
N VAL B 15 44.29 45.70 -20.17
CA VAL B 15 43.24 44.78 -19.78
C VAL B 15 42.28 45.46 -18.80
N ARG B 16 41.00 45.13 -18.90
CA ARG B 16 40.01 45.50 -17.89
C ARG B 16 39.66 44.25 -17.11
N VAL B 17 39.92 44.24 -15.80
CA VAL B 17 39.70 43.04 -15.00
C VAL B 17 38.75 43.32 -13.85
N LEU B 18 37.87 42.37 -13.61
CA LEU B 18 36.98 42.36 -12.45
C LEU B 18 37.51 41.34 -11.46
N SER B 19 37.78 41.76 -10.23
CA SER B 19 38.37 40.88 -9.24
C SER B 19 37.50 40.80 -8.00
N LEU B 20 37.18 39.58 -7.59
CA LEU B 20 36.22 39.34 -6.55
C LEU B 20 36.89 38.67 -5.36
N PHE B 21 36.39 39.00 -4.18
CA PHE B 21 36.84 38.47 -2.90
C PHE B 21 38.25 38.89 -2.51
N GLU B 22 39.23 38.67 -3.39
CA GLU B 22 40.62 39.08 -3.15
C GLU B 22 41.05 40.04 -4.26
N ASP B 23 41.79 41.09 -3.89
CA ASP B 23 42.18 42.10 -4.87
C ASP B 23 43.57 41.78 -5.38
N ILE B 24 43.70 41.63 -6.70
CA ILE B 24 45.00 41.51 -7.31
C ILE B 24 45.48 42.84 -7.88
N LYS B 25 44.92 43.96 -7.39
CA LYS B 25 45.23 45.30 -7.90
C LYS B 25 46.73 45.58 -7.80
N LYS B 26 47.26 45.51 -6.59
CA LYS B 26 48.63 45.90 -6.37
C LYS B 26 49.58 44.76 -6.65
N GLU B 27 49.06 43.61 -7.04
CA GLU B 27 49.91 42.52 -7.52
C GLU B 27 49.94 42.44 -9.02
N LEU B 28 48.84 42.78 -9.68
CA LEU B 28 48.78 42.69 -11.11
C LEU B 28 49.52 43.84 -11.79
N THR B 29 49.75 44.94 -11.07
CA THR B 29 50.61 45.98 -11.66
C THR B 29 52.06 45.53 -11.69
N SER B 30 52.48 44.67 -10.77
CA SER B 30 53.86 44.22 -10.75
C SER B 30 54.26 43.48 -12.03
N LEU B 31 53.29 43.02 -12.82
CA LEU B 31 53.58 42.37 -14.09
C LEU B 31 53.32 43.28 -15.27
N GLY B 32 52.91 44.51 -15.02
CA GLY B 32 52.74 45.48 -16.06
C GLY B 32 51.39 45.51 -16.73
N PHE B 33 50.36 44.95 -16.12
CA PHE B 33 49.05 44.99 -16.75
C PHE B 33 48.25 46.24 -16.44
N LEU B 34 48.54 46.89 -15.29
CA LEU B 34 47.95 48.17 -14.89
C LEU B 34 49.03 49.21 -14.71
N GLU B 35 48.63 50.48 -14.74
CA GLU B 35 49.50 51.62 -14.52
C GLU B 35 48.95 52.50 -13.39
N SER B 36 49.87 53.10 -12.60
CA SER B 36 49.56 53.91 -11.41
C SER B 36 49.05 55.32 -11.73
N GLY B 37 48.64 55.60 -12.97
CA GLY B 37 48.19 56.90 -13.41
C GLY B 37 46.69 56.98 -13.60
N SER B 38 46.08 55.81 -13.83
CA SER B 38 44.64 55.69 -14.06
C SER B 38 43.79 56.19 -12.90
N ASP B 39 42.78 57.03 -13.24
CA ASP B 39 41.67 57.30 -12.31
C ASP B 39 40.80 56.06 -12.09
N PRO B 40 40.24 55.42 -13.13
CA PRO B 40 39.46 54.19 -12.87
C PRO B 40 40.31 53.00 -12.48
N GLY B 41 41.58 52.99 -12.85
CA GLY B 41 42.44 51.85 -12.59
C GLY B 41 42.26 50.66 -13.50
N GLN B 42 41.16 50.56 -14.25
CA GLN B 42 40.83 49.44 -15.14
C GLN B 42 40.62 48.13 -14.39
N LEU B 43 40.66 48.18 -13.06
CA LEU B 43 40.34 47.06 -12.19
C LEU B 43 39.23 47.52 -11.28
N LYS B 44 38.21 46.67 -11.14
CA LYS B 44 37.06 46.88 -10.27
C LYS B 44 37.11 45.78 -9.22
N HIS B 45 37.10 46.19 -7.95
CA HIS B 45 37.19 45.25 -6.83
C HIS B 45 35.95 45.38 -5.98
N VAL B 46 35.27 44.25 -5.78
CA VAL B 46 34.13 44.18 -4.89
C VAL B 46 34.30 42.91 -4.06
N VAL B 47 33.78 42.95 -2.84
CA VAL B 47 33.98 41.85 -1.90
C VAL B 47 32.68 41.26 -1.36
N ASP B 48 31.55 41.97 -1.33
CA ASP B 48 30.27 41.40 -0.90
C ASP B 48 29.30 41.45 -2.08
N VAL B 49 29.36 40.39 -2.89
CA VAL B 49 28.62 40.30 -4.14
C VAL B 49 27.15 39.94 -3.96
N THR B 50 26.66 39.74 -2.73
CA THR B 50 25.39 39.06 -2.62
C THR B 50 24.22 39.88 -3.17
N ASP B 51 24.40 41.19 -3.28
CA ASP B 51 23.35 42.08 -3.80
C ASP B 51 23.72 42.69 -5.15
N THR B 52 24.55 42.00 -5.91
CA THR B 52 25.02 42.43 -7.22
C THR B 52 24.11 41.90 -8.32
N VAL B 53 23.58 42.79 -9.14
CA VAL B 53 22.74 42.39 -10.24
C VAL B 53 23.59 42.30 -11.50
N ARG B 54 23.03 41.68 -12.55
CA ARG B 54 23.71 41.67 -13.83
C ARG B 54 23.99 43.09 -14.30
N LYS B 55 22.97 43.95 -14.35
CA LYS B 55 23.24 45.28 -14.90
C LYS B 55 24.31 46.03 -14.10
N ASP B 56 24.58 45.64 -12.85
CA ASP B 56 25.72 46.21 -12.13
C ASP B 56 27.02 45.83 -12.83
N VAL B 57 27.14 44.55 -13.19
CA VAL B 57 28.33 44.10 -13.91
C VAL B 57 28.37 44.72 -15.30
N GLU B 58 27.21 44.86 -15.96
CA GLU B 58 27.23 45.50 -17.26
C GLU B 58 27.62 46.99 -17.15
N GLU B 59 27.16 47.70 -16.10
CA GLU B 59 27.46 49.13 -15.96
C GLU B 59 28.93 49.37 -15.65
N TRP B 60 29.55 48.47 -14.89
CA TRP B 60 30.98 48.56 -14.57
C TRP B 60 31.86 48.39 -15.77
N GLY B 61 31.25 48.46 -16.95
CA GLY B 61 31.95 48.43 -18.21
C GLY B 61 32.44 47.06 -18.53
N PRO B 62 33.00 46.90 -19.73
CA PRO B 62 33.41 45.56 -20.19
C PRO B 62 34.63 45.07 -19.44
N PHE B 63 34.75 43.74 -19.39
CA PHE B 63 35.85 43.08 -18.72
C PHE B 63 36.50 42.07 -19.64
N ASP B 64 37.83 41.93 -19.50
CA ASP B 64 38.59 40.95 -20.23
C ASP B 64 39.08 39.81 -19.35
N LEU B 65 39.24 40.05 -18.06
CA LEU B 65 39.64 39.03 -17.11
C LEU B 65 38.70 39.13 -15.94
N VAL B 66 38.27 37.98 -15.42
CA VAL B 66 37.46 37.90 -14.21
C VAL B 66 38.14 36.94 -13.25
N TYR B 67 38.46 37.42 -12.05
CA TYR B 67 39.22 36.66 -11.06
C TYR B 67 38.48 36.59 -9.74
N GLY B 68 38.49 35.41 -9.13
CA GLY B 68 37.98 35.27 -7.78
C GLY B 68 38.80 34.23 -7.07
N ALA B 69 38.84 34.31 -5.74
CA ALA B 69 39.59 33.32 -4.98
C ALA B 69 38.97 33.07 -3.61
N THR B 70 39.11 31.84 -3.16
CA THR B 70 38.78 31.53 -1.78
C THR B 70 39.66 32.36 -0.83
N PRO B 71 39.11 32.76 0.32
CA PRO B 71 39.91 33.38 1.42
C PRO B 71 41.09 32.52 1.84
N PRO B 72 42.10 33.09 2.49
CA PRO B 72 43.28 32.30 2.93
C PRO B 72 42.95 31.24 3.98
N LEU B 73 43.66 30.09 3.90
CA LEU B 73 43.44 28.96 4.81
C LEU B 73 43.26 29.43 6.24
N GLY B 74 44.27 30.15 6.75
CA GLY B 74 44.19 30.76 8.05
C GLY B 74 43.30 31.99 7.95
N HIS B 75 42.00 31.75 8.01
CA HIS B 75 40.97 32.79 8.05
C HIS B 75 39.72 32.11 8.54
N THR B 76 39.25 32.43 9.74
CA THR B 76 37.96 31.85 10.11
C THR B 76 36.87 32.44 9.26
N CYS B 77 36.38 31.58 8.39
CA CYS B 77 35.50 31.97 7.30
C CYS B 77 34.12 32.25 7.86
N ASP B 78 33.56 33.36 7.42
CA ASP B 78 32.21 33.78 7.71
C ASP B 78 31.27 33.36 6.59
N ARG B 79 31.79 32.61 5.62
CA ARG B 79 31.10 32.23 4.42
C ARG B 79 31.34 30.74 4.22
N PRO B 80 30.32 30.00 3.80
CA PRO B 80 30.53 28.61 3.42
C PRO B 80 31.51 28.55 2.28
N PRO B 81 32.46 27.62 2.31
CA PRO B 81 33.53 27.64 1.28
C PRO B 81 33.00 27.56 -0.15
N SER B 82 31.89 26.86 -0.37
CA SER B 82 31.33 26.82 -1.71
C SER B 82 30.72 28.14 -2.12
N TRP B 83 30.39 29.02 -1.17
CA TRP B 83 29.74 30.28 -1.54
C TRP B 83 30.59 31.09 -2.52
N TYR B 84 31.90 31.16 -2.26
CA TYR B 84 32.79 31.89 -3.18
C TYR B 84 32.80 31.26 -4.56
N LEU B 85 32.51 29.97 -4.65
CA LEU B 85 32.47 29.29 -5.94
C LEU B 85 31.24 29.70 -6.76
N PHE B 86 30.06 29.39 -6.22
CA PHE B 86 28.78 29.70 -6.86
C PHE B 86 28.64 31.18 -7.18
N GLN B 87 29.11 32.03 -6.29
CA GLN B 87 29.02 33.46 -6.50
C GLN B 87 29.91 33.89 -7.67
N PHE B 88 31.17 33.47 -7.68
CA PHE B 88 32.05 33.69 -8.83
C PHE B 88 31.43 33.21 -10.15
N HIS B 89 30.80 32.05 -10.13
CA HIS B 89 30.17 31.54 -11.34
C HIS B 89 29.02 32.45 -11.73
N ARG B 90 28.30 32.94 -10.74
CA ARG B 90 27.12 33.78 -10.99
C ARG B 90 27.40 35.09 -11.73
N LEU B 91 28.50 35.75 -11.37
CA LEU B 91 28.85 37.02 -11.99
C LEU B 91 29.74 36.85 -13.20
N LEU B 92 30.51 35.77 -13.28
CA LEU B 92 31.25 35.48 -14.50
C LEU B 92 30.30 35.38 -15.68
N GLN B 93 29.14 34.76 -15.51
CA GLN B 93 28.23 34.69 -16.65
C GLN B 93 27.66 36.05 -16.98
N TYR B 94 27.56 36.95 -16.00
CA TYR B 94 27.12 38.32 -16.34
C TYR B 94 28.16 39.06 -17.17
N ALA B 95 29.45 38.70 -17.03
CA ALA B 95 30.56 39.42 -17.63
C ALA B 95 30.96 38.89 -19.00
N ARG B 96 30.55 37.69 -19.40
CA ARG B 96 31.02 37.13 -20.66
C ARG B 96 30.58 38.01 -21.82
N PRO B 97 31.37 38.13 -22.88
CA PRO B 97 30.86 38.77 -24.08
C PRO B 97 29.73 37.97 -24.67
N LYS B 98 28.82 38.69 -25.32
CA LYS B 98 27.72 38.07 -26.04
C LYS B 98 28.27 37.17 -27.13
N PRO B 99 27.54 36.12 -27.54
CA PRO B 99 28.00 35.33 -28.68
C PRO B 99 28.17 36.14 -29.97
N GLY B 100 27.50 37.30 -30.08
CA GLY B 100 27.58 38.11 -31.30
C GLY B 100 28.87 38.89 -31.48
N SER B 101 29.68 39.03 -30.42
CA SER B 101 30.93 39.80 -30.46
C SER B 101 32.06 39.07 -29.72
N PRO B 102 32.68 38.07 -30.37
CA PRO B 102 33.74 37.29 -29.70
C PRO B 102 35.08 38.02 -29.74
N ARG B 103 35.61 38.27 -28.54
CA ARG B 103 36.85 38.96 -28.26
C ARG B 103 37.56 38.19 -27.15
N PRO B 104 38.87 38.38 -26.99
CA PRO B 104 39.59 37.67 -25.93
C PRO B 104 39.04 38.02 -24.57
N PHE B 105 38.78 36.98 -23.78
CA PHE B 105 38.10 37.10 -22.48
C PHE B 105 38.45 35.88 -21.63
N PHE B 106 39.06 36.12 -20.46
CA PHE B 106 39.60 35.06 -19.61
C PHE B 106 39.05 35.18 -18.19
N TRP B 107 39.07 34.06 -17.47
CA TRP B 107 38.58 34.02 -16.10
C TRP B 107 39.50 33.13 -15.30
N MET B 108 39.65 33.44 -14.02
CA MET B 108 40.44 32.61 -13.12
C MET B 108 39.74 32.46 -11.78
N PHE B 109 39.77 31.24 -11.26
CA PHE B 109 39.38 30.99 -9.88
C PHE B 109 40.48 30.13 -9.25
N VAL B 110 40.87 30.47 -8.03
CA VAL B 110 41.90 29.72 -7.31
C VAL B 110 41.43 29.42 -5.89
N ASP B 111 41.78 28.24 -5.41
CA ASP B 111 41.41 27.81 -4.06
C ASP B 111 42.64 27.66 -3.16
N ASN B 112 42.52 28.21 -1.95
CA ASN B 112 43.49 28.13 -0.85
C ASN B 112 43.39 26.86 0.01
N LEU B 113 43.04 25.69 -0.53
CA LEU B 113 42.78 24.49 0.26
C LEU B 113 41.57 24.65 1.19
N VAL B 114 40.72 25.64 0.91
CA VAL B 114 39.53 25.89 1.71
C VAL B 114 38.34 25.11 1.19
N LEU B 115 38.48 24.45 0.05
CA LEU B 115 37.40 23.59 -0.46
C LEU B 115 37.78 22.13 -0.20
N ASN B 116 36.85 21.37 0.41
CA ASN B 116 37.02 19.94 0.59
C ASN B 116 36.60 19.23 -0.69
N LYS B 117 36.63 17.89 -0.69
CA LYS B 117 36.56 17.21 -1.98
C LYS B 117 35.14 17.16 -2.56
N GLU B 118 34.11 17.18 -1.74
CA GLU B 118 32.82 17.27 -2.40
C GLU B 118 32.63 18.66 -2.97
N ASP B 119 33.18 19.70 -2.33
CA ASP B 119 33.17 21.02 -2.94
C ASP B 119 34.07 21.06 -4.17
N LEU B 120 35.10 20.18 -4.23
CA LEU B 120 36.01 20.23 -5.36
C LEU B 120 35.35 19.78 -6.66
N ASP B 121 34.44 18.79 -6.61
CA ASP B 121 33.79 18.34 -7.85
C ASP B 121 32.65 19.25 -8.23
N VAL B 122 32.11 20.01 -7.28
CA VAL B 122 31.20 21.08 -7.68
C VAL B 122 31.96 22.10 -8.48
N ALA B 123 33.14 22.47 -8.01
CA ALA B 123 33.97 23.43 -8.72
C ALA B 123 34.27 22.96 -10.15
N SER B 124 34.76 21.74 -10.28
CA SER B 124 35.14 21.25 -11.60
C SER B 124 33.94 20.94 -12.49
N ARG B 125 32.77 20.69 -11.90
CA ARG B 125 31.58 20.54 -12.72
C ARG B 125 31.15 21.89 -13.24
N PHE B 126 31.21 22.91 -12.38
CA PHE B 126 30.73 24.22 -12.82
C PHE B 126 31.74 24.93 -13.70
N LEU B 127 33.02 24.88 -13.36
CA LEU B 127 34.02 25.55 -14.18
C LEU B 127 34.55 24.67 -15.30
N GLU B 128 33.99 23.47 -15.49
CA GLU B 128 34.15 22.65 -16.71
C GLU B 128 35.60 22.22 -16.95
N MET B 129 36.33 21.92 -15.87
CA MET B 129 37.68 21.43 -16.00
C MET B 129 38.20 21.01 -14.63
N GLU B 130 39.16 20.08 -14.61
CA GLU B 130 39.86 19.77 -13.38
C GLU B 130 40.80 20.91 -13.04
N PRO B 131 41.13 21.10 -11.77
CA PRO B 131 42.12 22.14 -11.41
C PRO B 131 43.56 21.70 -11.57
N VAL B 132 44.45 22.67 -11.56
CA VAL B 132 45.89 22.42 -11.53
C VAL B 132 46.40 22.78 -10.15
N THR B 133 47.20 21.88 -9.59
CA THR B 133 47.70 22.03 -8.23
C THR B 133 49.12 22.62 -8.30
N ILE B 134 49.28 23.85 -7.84
CA ILE B 134 50.55 24.57 -7.90
C ILE B 134 51.17 24.58 -6.51
N PRO B 135 52.38 24.01 -6.33
CA PRO B 135 52.93 23.90 -4.97
C PRO B 135 53.94 24.98 -4.60
N ASP B 136 54.20 25.10 -3.29
CA ASP B 136 55.23 25.96 -2.73
C ASP B 136 56.27 25.08 -2.03
N VAL B 137 57.53 25.27 -2.33
CA VAL B 137 58.60 24.42 -1.84
C VAL B 137 59.54 25.26 -0.97
N HIS B 138 59.32 25.25 0.34
CA HIS B 138 60.16 26.04 1.22
C HIS B 138 59.84 27.50 0.96
N GLN B 143 55.72 25.30 3.42
CA GLN B 143 54.88 24.45 2.59
C GLN B 143 53.49 25.09 2.36
N ASN B 144 53.12 25.31 1.09
CA ASN B 144 51.83 25.90 0.76
C ASN B 144 51.45 25.50 -0.67
N ALA B 145 50.18 25.70 -1.00
CA ALA B 145 49.68 25.35 -2.34
C ALA B 145 48.31 25.97 -2.59
N VAL B 146 48.02 26.17 -3.87
CA VAL B 146 46.72 26.61 -4.36
C VAL B 146 46.36 25.81 -5.60
N ARG B 147 45.05 25.66 -5.84
CA ARG B 147 44.54 25.00 -7.04
C ARG B 147 43.82 26.03 -7.90
N VAL B 148 44.01 25.94 -9.20
CA VAL B 148 43.56 26.99 -10.10
C VAL B 148 42.71 26.36 -11.18
N TRP B 149 41.52 26.92 -11.38
CA TRP B 149 40.72 26.74 -12.57
C TRP B 149 40.89 28.01 -13.37
N SER B 150 41.12 27.90 -14.68
CA SER B 150 41.16 29.07 -15.55
C SER B 150 41.19 28.62 -17.00
N ASN B 151 40.80 29.52 -17.89
CA ASN B 151 40.86 29.22 -19.32
C ASN B 151 42.10 29.84 -19.95
N ILE B 152 43.01 30.35 -19.12
CA ILE B 152 44.27 30.93 -19.54
C ILE B 152 45.20 29.82 -20.03
N PRO B 153 45.78 29.93 -21.24
CA PRO B 153 46.63 28.85 -21.77
C PRO B 153 47.94 28.59 -21.03
N ALA B 154 47.97 28.80 -19.72
CA ALA B 154 49.21 28.67 -18.97
C ALA B 154 49.69 27.22 -18.94
N LEU B 162 54.11 17.54 -9.52
CA LEU B 162 53.41 16.38 -8.94
C LEU B 162 53.46 16.39 -7.42
N VAL B 163 52.27 16.31 -6.83
CA VAL B 163 52.11 16.11 -5.40
C VAL B 163 50.90 15.20 -5.22
N SER B 164 50.99 14.25 -4.30
CA SER B 164 49.83 13.43 -4.09
C SER B 164 49.01 14.05 -2.98
N GLU B 165 47.72 13.65 -2.91
CA GLU B 165 46.78 14.50 -2.18
C GLU B 165 47.00 14.41 -0.68
N GLU B 166 47.64 13.33 -0.20
CA GLU B 166 47.86 13.19 1.24
C GLU B 166 49.00 14.05 1.72
N GLU B 167 49.92 14.41 0.82
CA GLU B 167 50.83 15.51 1.12
C GLU B 167 50.02 16.76 1.48
N LEU B 168 49.10 17.15 0.59
CA LEU B 168 48.25 18.29 0.86
C LEU B 168 47.24 18.00 1.96
N SER B 169 46.63 16.80 1.94
CA SER B 169 45.76 16.37 3.04
C SER B 169 46.41 16.66 4.38
N LEU B 170 47.60 16.10 4.63
CA LEU B 170 48.23 16.36 5.91
C LEU B 170 48.75 17.80 5.99
N LEU B 171 49.15 18.38 4.86
CA LEU B 171 49.48 19.80 4.84
C LEU B 171 48.28 20.62 5.28
N ALA B 172 47.11 20.35 4.71
CA ALA B 172 45.92 21.08 5.08
C ALA B 172 45.74 21.10 6.61
N GLN B 173 45.77 19.91 7.25
CA GLN B 173 45.32 19.79 8.64
C GLN B 173 46.25 20.51 9.63
N ASN B 174 47.54 20.60 9.32
CA ASN B 174 48.41 21.28 10.27
C ASN B 174 48.35 22.79 10.07
N LYS B 175 48.23 23.20 8.82
CA LYS B 175 48.26 24.62 8.50
C LYS B 175 47.21 25.46 9.16
N GLN B 176 46.12 24.84 9.60
CA GLN B 176 45.01 25.63 10.10
C GLN B 176 45.56 26.57 11.13
N SER B 177 46.63 26.16 11.78
CA SER B 177 47.25 26.99 12.80
C SER B 177 48.48 27.71 12.25
N LYS B 183 49.48 36.07 4.47
CA LYS B 183 48.14 35.54 4.26
C LYS B 183 48.06 34.86 2.92
N TRP B 184 47.28 35.43 2.02
CA TRP B 184 47.10 34.84 0.70
C TRP B 184 48.43 34.82 0.05
N PRO B 185 48.80 33.69 -0.53
CA PRO B 185 50.11 33.67 -1.17
C PRO B 185 49.95 34.03 -2.61
N THR B 186 50.22 35.28 -2.93
CA THR B 186 50.16 35.71 -4.30
C THR B 186 51.30 35.12 -5.10
N LYS B 187 52.34 34.69 -4.43
CA LYS B 187 53.46 34.25 -5.23
C LYS B 187 53.10 33.17 -6.22
N LEU B 188 52.28 32.25 -5.78
CA LEU B 188 51.83 31.16 -6.64
C LEU B 188 50.92 31.57 -7.79
N VAL B 189 49.98 32.46 -7.49
CA VAL B 189 49.03 32.92 -8.48
C VAL B 189 49.69 33.63 -9.65
N LYS B 190 50.51 34.61 -9.33
CA LYS B 190 50.98 35.59 -10.28
C LYS B 190 51.43 34.99 -11.59
N ASN B 191 52.36 34.08 -11.54
CA ASN B 191 52.97 33.58 -12.75
C ASN B 191 52.02 33.03 -13.77
N CYS B 192 50.89 32.54 -13.31
CA CYS B 192 49.91 31.94 -14.18
C CYS B 192 49.36 32.96 -15.12
N PHE B 193 49.30 34.18 -14.62
CA PHE B 193 48.80 35.36 -15.30
C PHE B 193 49.63 35.83 -16.47
N LEU B 194 50.86 35.36 -16.57
CA LEU B 194 51.77 35.88 -17.58
C LEU B 194 51.25 35.82 -19.02
N PRO B 195 50.79 34.67 -19.46
CA PRO B 195 50.51 34.43 -20.86
C PRO B 195 49.63 35.49 -21.44
N LEU B 196 48.90 36.13 -20.58
CA LEU B 196 48.01 37.18 -20.99
C LEU B 196 48.79 38.28 -21.59
N ARG B 197 50.11 38.15 -21.54
CA ARG B 197 51.00 39.19 -22.07
C ARG B 197 50.83 39.24 -23.56
N GLU B 198 50.44 38.09 -24.10
CA GLU B 198 50.20 37.94 -25.52
C GLU B 198 48.90 38.53 -26.01
N TYR B 199 48.16 39.25 -25.14
CA TYR B 199 46.82 39.75 -25.48
C TYR B 199 46.60 41.20 -25.07
N PHE B 200 47.39 41.75 -24.14
CA PHE B 200 47.15 43.07 -23.60
C PHE B 200 48.45 43.86 -23.49
N LYS B 201 48.32 45.14 -23.16
CA LYS B 201 49.49 46.01 -23.10
C LYS B 201 50.38 45.60 -21.93
N TYR B 202 51.68 45.81 -22.11
CA TYR B 202 52.71 45.36 -21.18
C TYR B 202 53.39 46.63 -20.67
N PHE B 203 52.81 47.24 -19.64
CA PHE B 203 53.42 48.43 -19.09
C PHE B 203 54.75 48.06 -18.42
N SER B 204 55.80 48.75 -18.84
CA SER B 204 57.09 48.77 -18.15
C SER B 204 57.02 48.59 -16.68
N MET C 3 -43.59 -27.98 23.91
CA MET C 3 -44.56 -28.65 24.79
C MET C 3 -45.45 -29.63 24.02
N PHE C 4 -45.69 -30.79 24.62
CA PHE C 4 -46.50 -31.84 24.03
C PHE C 4 -47.67 -32.14 24.95
N GLU C 5 -48.85 -32.34 24.36
CA GLU C 5 -49.97 -32.75 25.20
C GLU C 5 -49.72 -34.17 25.68
N THR C 6 -50.30 -34.49 26.83
CA THR C 6 -50.06 -35.82 27.36
C THR C 6 -51.06 -36.81 26.78
N VAL C 7 -50.65 -38.07 26.73
CA VAL C 7 -51.42 -39.09 26.04
C VAL C 7 -52.21 -39.89 27.07
N PRO C 8 -53.52 -40.04 26.88
CA PRO C 8 -54.29 -40.93 27.76
C PRO C 8 -53.66 -42.31 27.82
N VAL C 9 -53.85 -42.99 28.95
CA VAL C 9 -53.07 -44.19 29.27
C VAL C 9 -53.33 -45.33 28.30
N TRP C 10 -54.51 -45.36 27.67
CA TRP C 10 -54.86 -46.45 26.76
C TRP C 10 -54.27 -46.25 25.37
N ARG C 11 -53.81 -45.03 25.05
CA ARG C 11 -53.21 -44.76 23.75
C ARG C 11 -51.69 -44.87 23.75
N ARG C 12 -51.06 -44.92 24.92
CA ARG C 12 -49.61 -44.95 24.99
C ARG C 12 -49.05 -46.21 24.34
N GLN C 13 -47.86 -46.08 23.77
CA GLN C 13 -47.20 -47.10 22.96
C GLN C 13 -45.78 -47.31 23.44
N PRO C 14 -45.16 -48.42 23.08
CA PRO C 14 -43.76 -48.64 23.50
C PRO C 14 -42.83 -47.72 22.73
N VAL C 15 -42.02 -46.99 23.49
CA VAL C 15 -41.14 -45.98 22.90
C VAL C 15 -40.15 -46.66 21.97
N ARG C 16 -39.84 -46.01 20.85
CA ARG C 16 -38.75 -46.44 19.97
C ARG C 16 -37.59 -45.47 20.18
N VAL C 17 -36.45 -45.97 20.64
CA VAL C 17 -35.35 -45.08 20.99
C VAL C 17 -34.09 -45.43 20.21
N LEU C 18 -33.42 -44.41 19.74
CA LEU C 18 -32.11 -44.48 19.12
C LEU C 18 -31.13 -43.90 20.12
N SER C 19 -30.14 -44.69 20.54
CA SER C 19 -29.18 -44.21 21.52
C SER C 19 -27.77 -44.36 20.96
N LEU C 20 -26.98 -43.28 21.05
CA LEU C 20 -25.70 -43.23 20.38
C LEU C 20 -24.57 -43.19 21.40
N PHE C 21 -23.43 -43.78 21.01
CA PHE C 21 -22.22 -43.84 21.82
C PHE C 21 -22.44 -44.70 23.06
N GLU C 22 -23.46 -44.41 23.86
CA GLU C 22 -23.83 -45.26 25.00
C GLU C 22 -25.01 -46.14 24.62
N ASP C 23 -25.16 -47.24 25.35
CA ASP C 23 -26.35 -48.07 25.26
C ASP C 23 -27.09 -47.93 26.58
N ILE C 24 -28.29 -47.37 26.53
CA ILE C 24 -29.13 -47.30 27.71
C ILE C 24 -30.22 -48.38 27.70
N LYS C 25 -29.98 -49.49 26.97
CA LYS C 25 -31.03 -50.48 26.75
C LYS C 25 -31.60 -51.01 28.06
N LYS C 26 -30.78 -51.68 28.86
CA LYS C 26 -31.36 -52.27 30.05
C LYS C 26 -31.32 -51.32 31.22
N GLU C 27 -31.01 -50.07 30.98
CA GLU C 27 -31.35 -49.12 32.03
C GLU C 27 -32.74 -48.59 31.80
N LEU C 28 -33.08 -48.44 30.54
CA LEU C 28 -34.39 -47.91 30.21
C LEU C 28 -35.48 -48.94 30.39
N THR C 29 -35.15 -50.24 30.37
CA THR C 29 -36.16 -51.23 30.71
C THR C 29 -36.46 -51.24 32.20
N SER C 30 -35.47 -50.87 33.01
CA SER C 30 -35.64 -50.83 34.46
C SER C 30 -36.75 -49.87 34.90
N LEU C 31 -37.13 -48.94 34.05
CA LEU C 31 -38.22 -48.02 34.36
C LEU C 31 -39.48 -48.36 33.56
N GLY C 32 -39.45 -49.45 32.80
CA GLY C 32 -40.60 -49.96 32.11
C GLY C 32 -40.86 -49.42 30.71
N PHE C 33 -39.87 -48.82 30.06
CA PHE C 33 -40.13 -48.27 28.74
C PHE C 33 -39.95 -49.29 27.62
N LEU C 34 -39.14 -50.30 27.85
CA LEU C 34 -38.96 -51.42 26.95
C LEU C 34 -39.44 -52.66 27.67
N GLU C 35 -39.73 -53.71 26.91
CA GLU C 35 -40.18 -54.96 27.49
C GLU C 35 -39.18 -56.05 27.15
N SER C 36 -38.88 -56.88 28.15
CA SER C 36 -37.92 -57.97 27.97
C SER C 36 -38.59 -59.10 27.23
N GLY C 37 -38.08 -59.41 26.04
CA GLY C 37 -38.68 -60.39 25.15
C GLY C 37 -38.49 -59.91 23.72
N SER C 38 -38.61 -58.60 23.51
CA SER C 38 -38.21 -57.98 22.25
C SER C 38 -36.68 -57.99 22.25
N ASP C 39 -36.11 -59.13 21.81
CA ASP C 39 -34.67 -59.24 21.56
C ASP C 39 -34.34 -58.40 20.32
N PRO C 40 -35.22 -58.40 19.26
CA PRO C 40 -35.23 -57.24 18.33
C PRO C 40 -36.08 -56.12 18.94
N GLY C 41 -35.49 -55.51 19.98
CA GLY C 41 -36.18 -54.52 20.77
C GLY C 41 -36.51 -53.27 19.98
N GLN C 42 -37.09 -52.31 20.70
CA GLN C 42 -37.42 -51.00 20.13
C GLN C 42 -36.32 -50.00 20.34
N LEU C 43 -35.12 -50.49 20.68
CA LEU C 43 -33.91 -49.67 20.83
C LEU C 43 -32.88 -50.10 19.81
N LYS C 44 -32.29 -49.11 19.14
CA LYS C 44 -31.23 -49.29 18.16
C LYS C 44 -29.97 -48.65 18.73
N HIS C 45 -28.89 -49.41 18.75
CA HIS C 45 -27.62 -49.01 19.36
C HIS C 45 -26.54 -48.93 18.31
N VAL C 46 -25.89 -47.78 18.20
CA VAL C 46 -24.75 -47.58 17.30
C VAL C 46 -23.64 -46.89 18.07
N VAL C 47 -22.41 -47.17 17.67
CA VAL C 47 -21.27 -46.60 18.39
C VAL C 47 -20.29 -45.89 17.47
N ASP C 48 -20.23 -46.23 16.18
CA ASP C 48 -19.40 -45.54 15.21
C ASP C 48 -20.32 -44.99 14.15
N VAL C 49 -20.81 -43.78 14.41
CA VAL C 49 -21.75 -43.12 13.52
C VAL C 49 -21.10 -42.49 12.30
N THR C 50 -19.76 -42.54 12.19
CA THR C 50 -19.12 -41.61 11.27
C THR C 50 -19.47 -41.88 9.82
N ASP C 51 -19.93 -43.08 9.49
CA ASP C 51 -20.30 -43.44 8.13
C ASP C 51 -21.78 -43.72 7.96
N THR C 52 -22.64 -43.21 8.85
CA THR C 52 -24.08 -43.44 8.77
C THR C 52 -24.77 -42.31 8.02
N VAL C 53 -25.61 -42.67 7.05
CA VAL C 53 -26.36 -41.73 6.23
C VAL C 53 -27.75 -41.52 6.80
N ARG C 54 -28.45 -40.48 6.33
CA ARG C 54 -29.85 -40.28 6.71
C ARG C 54 -30.69 -41.49 6.36
N LYS C 55 -30.51 -42.04 5.17
CA LYS C 55 -31.27 -43.24 4.82
C LYS C 55 -31.06 -44.38 5.82
N ASP C 56 -29.92 -44.42 6.49
CA ASP C 56 -29.71 -45.42 7.54
C ASP C 56 -30.61 -45.13 8.73
N VAL C 57 -30.65 -43.89 9.19
CA VAL C 57 -31.49 -43.54 10.31
C VAL C 57 -32.96 -43.67 9.95
N GLU C 58 -33.31 -43.28 8.73
CA GLU C 58 -34.71 -43.38 8.34
C GLU C 58 -35.20 -44.83 8.31
N GLU C 59 -34.33 -45.77 7.91
CA GLU C 59 -34.74 -47.18 7.86
C GLU C 59 -34.87 -47.76 9.26
N TRP C 60 -33.95 -47.41 10.17
CA TRP C 60 -34.10 -47.87 11.56
C TRP C 60 -35.24 -47.16 12.29
N GLY C 61 -35.87 -46.19 11.65
CA GLY C 61 -36.92 -45.42 12.26
C GLY C 61 -38.28 -46.03 12.05
N PRO C 62 -39.32 -45.37 12.56
CA PRO C 62 -39.29 -44.14 13.35
C PRO C 62 -38.75 -44.27 14.76
N PHE C 63 -38.39 -43.12 15.32
CA PHE C 63 -37.86 -43.03 16.66
C PHE C 63 -38.64 -41.98 17.42
N ASP C 64 -38.82 -42.23 18.72
CA ASP C 64 -39.48 -41.29 19.61
C ASP C 64 -38.52 -40.63 20.57
N LEU C 65 -37.40 -41.27 20.86
CA LEU C 65 -36.38 -40.72 21.73
C LEU C 65 -35.04 -40.92 21.05
N VAL C 66 -34.19 -39.89 21.11
CA VAL C 66 -32.83 -39.97 20.57
C VAL C 66 -31.90 -39.60 21.71
N TYR C 67 -30.96 -40.48 22.06
CA TYR C 67 -30.08 -40.29 23.21
C TYR C 67 -28.60 -40.42 22.84
N GLY C 68 -27.77 -39.52 23.37
CA GLY C 68 -26.34 -39.66 23.19
C GLY C 68 -25.59 -39.14 24.39
N ALA C 69 -24.37 -39.66 24.59
CA ALA C 69 -23.59 -39.21 25.73
C ALA C 69 -22.11 -39.25 25.42
N THR C 70 -21.38 -38.36 26.06
CA THR C 70 -19.93 -38.41 26.05
C THR C 70 -19.44 -39.71 26.68
N PRO C 71 -18.28 -40.22 26.24
CA PRO C 71 -17.62 -41.33 26.95
C PRO C 71 -17.44 -41.00 28.42
N PRO C 72 -17.30 -42.00 29.28
CA PRO C 72 -17.14 -41.71 30.72
C PRO C 72 -15.82 -41.04 31.04
N LEU C 73 -15.91 -40.00 31.89
CA LEU C 73 -14.75 -39.26 32.40
C LEU C 73 -13.74 -40.25 32.96
N GLY C 74 -12.57 -40.33 32.32
CA GLY C 74 -11.54 -41.24 32.76
C GLY C 74 -11.05 -42.03 31.57
N HIS C 75 -11.99 -42.70 30.88
CA HIS C 75 -11.71 -43.36 29.61
C HIS C 75 -11.03 -42.31 28.73
N THR C 76 -9.73 -42.48 28.44
CA THR C 76 -9.03 -41.50 27.63
C THR C 76 -9.47 -41.72 26.19
N CYS C 77 -10.26 -40.79 25.67
CA CYS C 77 -10.97 -41.01 24.42
C CYS C 77 -10.02 -40.94 23.24
N ASP C 78 -10.37 -41.73 22.23
CA ASP C 78 -9.70 -41.72 20.94
C ASP C 78 -10.32 -40.68 20.02
N ARG C 79 -11.26 -39.88 20.53
CA ARG C 79 -12.06 -38.95 19.76
C ARG C 79 -12.12 -37.62 20.48
N PRO C 80 -12.09 -36.50 19.75
CA PRO C 80 -12.24 -35.18 20.36
C PRO C 80 -13.57 -35.08 21.08
N PRO C 81 -13.60 -34.46 22.26
CA PRO C 81 -14.85 -34.45 23.04
C PRO C 81 -16.01 -33.81 22.30
N SER C 82 -15.79 -32.81 21.47
CA SER C 82 -16.88 -32.23 20.72
C SER C 82 -17.39 -33.16 19.63
N TRP C 83 -16.62 -34.17 19.25
CA TRP C 83 -17.06 -35.04 18.16
C TRP C 83 -18.40 -35.68 18.50
N TYR C 84 -18.53 -36.17 19.73
CA TYR C 84 -19.78 -36.79 20.17
C TYR C 84 -20.93 -35.80 20.13
N LEU C 85 -20.63 -34.51 20.28
CA LEU C 85 -21.70 -33.52 20.21
C LEU C 85 -22.18 -33.34 18.77
N PHE C 86 -21.28 -32.83 17.90
CA PHE C 86 -21.63 -32.57 16.49
C PHE C 86 -22.25 -33.79 15.80
N GLN C 87 -21.74 -35.00 16.09
CA GLN C 87 -22.33 -36.19 15.48
C GLN C 87 -23.73 -36.47 16.03
N PHE C 88 -23.91 -36.37 17.35
CA PHE C 88 -25.26 -36.47 17.92
C PHE C 88 -26.19 -35.49 17.22
N HIS C 89 -25.71 -34.27 16.99
CA HIS C 89 -26.54 -33.26 16.36
C HIS C 89 -26.90 -33.67 14.95
N ARG C 90 -25.94 -34.25 14.22
CA ARG C 90 -26.20 -34.56 12.83
C ARG C 90 -27.33 -35.55 12.68
N LEU C 91 -27.29 -36.66 13.42
CA LEU C 91 -28.27 -37.72 13.22
C LEU C 91 -29.58 -37.43 13.90
N LEU C 92 -29.56 -36.62 14.95
CA LEU C 92 -30.82 -36.16 15.53
C LEU C 92 -31.67 -35.47 14.46
N GLN C 93 -31.05 -34.65 13.60
CA GLN C 93 -31.82 -33.99 12.56
C GLN C 93 -32.35 -34.97 11.51
N TYR C 94 -31.66 -36.10 11.31
CA TYR C 94 -32.19 -37.15 10.42
C TYR C 94 -33.41 -37.85 11.02
N ALA C 95 -33.51 -37.89 12.35
CA ALA C 95 -34.52 -38.66 13.08
C ALA C 95 -35.79 -37.86 13.38
N ARG C 96 -35.76 -36.52 13.28
CA ARG C 96 -36.91 -35.71 13.68
C ARG C 96 -38.14 -36.05 12.84
N PRO C 97 -39.32 -35.93 13.43
CA PRO C 97 -40.54 -36.00 12.62
C PRO C 97 -40.57 -34.86 11.62
N LYS C 98 -41.18 -35.14 10.47
CA LYS C 98 -41.42 -34.14 9.45
C LYS C 98 -42.35 -33.07 10.02
N PRO C 99 -42.24 -31.82 9.56
CA PRO C 99 -43.20 -30.81 10.03
C PRO C 99 -44.64 -31.17 9.67
N GLY C 100 -44.84 -32.01 8.64
CA GLY C 100 -46.16 -32.42 8.23
C GLY C 100 -46.84 -33.43 9.14
N SER C 101 -46.09 -34.07 10.04
CA SER C 101 -46.63 -35.08 10.96
C SER C 101 -46.05 -34.91 12.36
N PRO C 102 -46.57 -33.95 13.13
CA PRO C 102 -46.08 -33.71 14.49
C PRO C 102 -46.65 -34.70 15.51
N ARG C 103 -45.75 -35.42 16.16
CA ARG C 103 -46.00 -36.43 17.17
C ARG C 103 -44.98 -36.23 18.26
N PRO C 104 -45.22 -36.76 19.46
CA PRO C 104 -44.25 -36.59 20.55
C PRO C 104 -42.90 -37.17 20.17
N PHE C 105 -41.85 -36.37 20.39
CA PHE C 105 -40.52 -36.74 19.96
C PHE C 105 -39.50 -36.00 20.81
N PHE C 106 -38.63 -36.75 21.52
CA PHE C 106 -37.70 -36.21 22.50
C PHE C 106 -36.26 -36.67 22.24
N TRP C 107 -35.33 -35.87 22.70
CA TRP C 107 -33.92 -36.16 22.51
C TRP C 107 -33.18 -35.80 23.78
N MET C 108 -32.11 -36.53 24.05
CA MET C 108 -31.29 -36.23 25.22
C MET C 108 -29.82 -36.33 24.86
N PHE C 109 -29.04 -35.39 25.39
CA PHE C 109 -27.59 -35.49 25.36
C PHE C 109 -27.06 -35.21 26.76
N VAL C 110 -26.06 -35.99 27.19
CA VAL C 110 -25.48 -35.85 28.52
C VAL C 110 -23.96 -35.87 28.42
N ASP C 111 -23.30 -34.99 29.18
CA ASP C 111 -21.85 -34.88 29.27
C ASP C 111 -21.37 -35.29 30.66
N ASN C 112 -20.35 -36.14 30.69
CA ASN C 112 -19.59 -36.61 31.86
C ASN C 112 -18.51 -35.64 32.34
N LEU C 113 -18.63 -34.33 32.13
CA LEU C 113 -17.55 -33.37 32.40
C LEU C 113 -16.35 -33.58 31.48
N VAL C 114 -16.60 -34.23 30.33
CA VAL C 114 -15.59 -34.45 29.30
C VAL C 114 -15.52 -33.27 28.34
N LEU C 115 -16.43 -32.30 28.45
CA LEU C 115 -16.39 -31.11 27.62
C LEU C 115 -15.87 -29.92 28.42
N ASN C 116 -14.88 -29.20 27.87
CA ASN C 116 -14.39 -27.96 28.48
C ASN C 116 -15.32 -26.80 28.13
N LYS C 117 -15.03 -25.58 28.59
CA LYS C 117 -16.08 -24.56 28.52
C LYS C 117 -16.25 -24.01 27.12
N GLU C 118 -15.23 -24.05 26.27
CA GLU C 118 -15.53 -23.65 24.91
C GLU C 118 -16.34 -24.72 24.20
N ASP C 119 -16.15 -25.96 24.61
CA ASP C 119 -16.97 -27.03 24.12
C ASP C 119 -18.40 -26.88 24.61
N LEU C 120 -18.56 -26.41 25.84
CA LEU C 120 -19.88 -26.25 26.43
C LEU C 120 -20.68 -25.16 25.74
N ASP C 121 -20.01 -24.10 25.27
CA ASP C 121 -20.77 -23.04 24.63
C ASP C 121 -21.20 -23.45 23.23
N VAL C 122 -20.43 -24.35 22.60
CA VAL C 122 -20.88 -24.94 21.36
C VAL C 122 -22.11 -25.82 21.61
N ALA C 123 -22.03 -26.66 22.63
CA ALA C 123 -23.17 -27.53 22.94
C ALA C 123 -24.42 -26.71 23.17
N SER C 124 -24.35 -25.68 23.99
CA SER C 124 -25.57 -24.94 24.29
C SER C 124 -26.05 -24.12 23.10
N ARG C 125 -25.15 -23.80 22.16
CA ARG C 125 -25.60 -23.10 20.96
C ARG C 125 -26.28 -24.07 20.00
N PHE C 126 -25.73 -25.28 19.84
CA PHE C 126 -26.29 -26.21 18.88
C PHE C 126 -27.56 -26.88 19.39
N LEU C 127 -27.58 -27.29 20.65
CA LEU C 127 -28.75 -27.90 21.26
C LEU C 127 -29.71 -26.86 21.83
N GLU C 128 -29.45 -25.56 21.60
CA GLU C 128 -30.44 -24.48 21.76
C GLU C 128 -30.93 -24.32 23.20
N MET C 129 -30.06 -24.55 24.18
CA MET C 129 -30.43 -24.36 25.58
C MET C 129 -29.21 -24.54 26.46
N GLU C 130 -29.23 -23.91 27.65
CA GLU C 130 -28.18 -24.17 28.62
C GLU C 130 -28.37 -25.56 29.18
N PRO C 131 -27.30 -26.18 29.68
CA PRO C 131 -27.43 -27.52 30.29
C PRO C 131 -27.96 -27.45 31.72
N VAL C 132 -28.38 -28.61 32.21
CA VAL C 132 -28.77 -28.76 33.61
C VAL C 132 -27.69 -29.57 34.32
N THR C 133 -27.23 -29.07 35.46
CA THR C 133 -26.16 -29.71 36.21
C THR C 133 -26.77 -30.56 37.33
N ILE C 134 -26.66 -31.87 37.22
CA ILE C 134 -27.22 -32.81 38.19
C ILE C 134 -26.06 -33.40 38.99
N PRO C 135 -26.02 -33.19 40.32
CA PRO C 135 -24.87 -33.68 41.11
C PRO C 135 -25.13 -34.98 41.87
N ASP C 136 -24.06 -35.63 42.31
CA ASP C 136 -24.10 -36.76 43.24
C ASP C 136 -23.26 -36.42 44.47
N VAL C 137 -23.87 -36.50 45.66
CA VAL C 137 -23.12 -36.30 46.91
C VAL C 137 -23.39 -37.47 47.87
N GLN C 143 -18.35 -38.67 44.96
CA GLN C 143 -18.73 -37.40 44.35
C GLN C 143 -18.55 -37.44 42.81
N ASN C 144 -19.63 -37.21 42.06
CA ASN C 144 -19.63 -37.26 40.60
C ASN C 144 -20.78 -36.38 40.11
N ALA C 145 -20.78 -36.08 38.82
CA ALA C 145 -21.80 -35.22 38.23
C ALA C 145 -21.82 -35.35 36.70
N VAL C 146 -22.99 -35.08 36.12
CA VAL C 146 -23.19 -35.01 34.68
C VAL C 146 -24.03 -33.79 34.35
N ARG C 147 -23.88 -33.36 33.09
CA ARG C 147 -24.61 -32.25 32.49
C ARG C 147 -25.56 -32.81 31.47
N VAL C 148 -26.78 -32.28 31.40
CA VAL C 148 -27.76 -32.86 30.51
C VAL C 148 -28.40 -31.74 29.70
N TRP C 149 -28.42 -31.91 28.39
CA TRP C 149 -29.29 -31.15 27.49
C TRP C 149 -30.41 -32.09 27.06
N SER C 150 -31.66 -31.60 27.13
CA SER C 150 -32.80 -32.33 26.58
C SER C 150 -34.04 -31.45 26.59
N ASN C 151 -34.99 -31.82 25.74
CA ASN C 151 -36.27 -31.14 25.65
C ASN C 151 -37.34 -31.87 26.46
N ILE C 152 -36.93 -32.85 27.25
CA ILE C 152 -37.83 -33.59 28.14
C ILE C 152 -38.20 -32.72 29.32
N PRO C 153 -39.47 -32.51 29.63
CA PRO C 153 -39.81 -31.67 30.80
C PRO C 153 -39.31 -32.35 32.07
N ALA C 154 -38.55 -31.61 32.87
CA ALA C 154 -37.90 -32.16 34.04
C ALA C 154 -38.42 -31.50 35.32
N ILE C 155 -38.17 -32.16 36.47
CA ILE C 155 -38.50 -31.60 37.82
C ILE C 155 -37.59 -30.41 38.18
N ALA C 161 -30.10 -29.41 42.47
CA ALA C 161 -30.06 -28.01 42.91
C ALA C 161 -28.61 -27.45 43.11
N LEU C 162 -28.53 -26.14 43.37
CA LEU C 162 -27.33 -25.27 43.30
C LEU C 162 -25.97 -25.90 43.62
N VAL C 163 -25.05 -25.71 42.67
CA VAL C 163 -23.64 -26.08 42.76
C VAL C 163 -22.84 -25.05 41.98
N SER C 164 -21.66 -24.69 42.48
CA SER C 164 -20.82 -23.84 41.66
C SER C 164 -19.79 -24.70 40.94
N GLU C 165 -19.17 -24.11 39.91
CA GLU C 165 -18.39 -24.92 38.98
C GLU C 165 -17.04 -25.31 39.55
N GLU C 166 -16.59 -24.64 40.62
CA GLU C 166 -15.25 -24.89 41.13
C GLU C 166 -15.15 -26.24 41.83
N GLU C 167 -16.23 -26.70 42.44
CA GLU C 167 -16.28 -28.09 42.88
C GLU C 167 -16.06 -29.02 41.70
N LEU C 168 -16.88 -28.87 40.65
CA LEU C 168 -16.74 -29.70 39.44
C LEU C 168 -15.38 -29.47 38.78
N SER C 169 -14.99 -28.20 38.64
CA SER C 169 -13.65 -27.85 38.18
C SER C 169 -12.61 -28.69 38.90
N LEU C 170 -12.62 -28.66 40.24
CA LEU C 170 -11.62 -29.40 41.01
C LEU C 170 -11.91 -30.92 41.02
N LEU C 171 -13.18 -31.32 40.93
CA LEU C 171 -13.49 -32.74 40.74
C LEU C 171 -12.91 -33.24 39.42
N ALA C 172 -13.23 -32.54 38.33
CA ALA C 172 -12.66 -32.90 37.04
C ALA C 172 -11.14 -32.97 37.11
N GLN C 173 -10.51 -31.95 37.71
CA GLN C 173 -9.08 -31.94 38.00
C GLN C 173 -8.63 -33.29 38.56
N ASN C 174 -9.26 -33.75 39.63
CA ASN C 174 -8.79 -34.91 40.39
C ASN C 174 -8.72 -36.17 39.51
N LYS C 175 -9.77 -36.41 38.70
CA LYS C 175 -9.69 -37.43 37.67
C LYS C 175 -10.55 -37.04 36.48
N PRO C 185 -22.46 -43.92 35.15
CA PRO C 185 -23.10 -43.01 36.10
C PRO C 185 -24.54 -42.91 35.71
N THR C 186 -25.20 -44.06 35.61
CA THR C 186 -26.56 -44.12 35.14
C THR C 186 -27.57 -43.62 36.18
N LYS C 187 -27.13 -43.44 37.41
CA LYS C 187 -28.03 -43.04 38.49
C LYS C 187 -28.72 -41.70 38.30
N LEU C 188 -28.00 -40.74 37.74
CA LEU C 188 -28.53 -39.39 37.62
C LEU C 188 -29.31 -39.19 36.33
N VAL C 189 -28.95 -39.95 35.30
CA VAL C 189 -29.61 -39.86 34.00
C VAL C 189 -31.00 -40.49 33.97
N LYS C 190 -31.22 -41.48 34.84
CA LYS C 190 -32.46 -42.23 34.89
C LYS C 190 -33.69 -41.40 35.26
N ASN C 191 -33.62 -40.64 36.34
CA ASN C 191 -34.78 -39.92 36.88
C ASN C 191 -35.50 -39.02 35.88
N CYS C 192 -34.73 -38.30 35.08
CA CYS C 192 -35.27 -37.38 34.11
C CYS C 192 -36.03 -38.13 33.02
N PHE C 193 -35.74 -39.41 32.87
CA PHE C 193 -36.45 -40.27 31.94
C PHE C 193 -37.91 -40.52 32.38
N LEU C 194 -38.30 -40.06 33.53
CA LEU C 194 -39.59 -40.51 34.02
C LEU C 194 -40.76 -39.61 33.66
N PRO C 195 -40.54 -38.35 33.29
CA PRO C 195 -41.64 -37.62 32.66
C PRO C 195 -42.06 -38.20 31.33
N LEU C 196 -41.24 -39.07 30.73
CA LEU C 196 -41.62 -39.78 29.52
C LEU C 196 -42.67 -40.85 29.77
N ARG C 197 -42.92 -41.21 31.03
CA ARG C 197 -44.02 -42.12 31.34
C ARG C 197 -45.36 -41.52 30.96
N GLU C 198 -45.49 -40.20 30.92
CA GLU C 198 -46.71 -39.54 30.48
C GLU C 198 -46.91 -39.64 28.96
N TYR C 199 -46.10 -40.41 28.24
CA TYR C 199 -46.16 -40.47 26.76
C TYR C 199 -46.09 -41.89 26.19
N PHE C 200 -45.57 -42.86 26.93
CA PHE C 200 -45.33 -44.20 26.40
C PHE C 200 -45.76 -45.26 27.42
N LYS C 201 -45.76 -46.52 26.98
CA LYS C 201 -46.26 -47.60 27.82
C LYS C 201 -45.35 -47.82 29.01
N TYR C 202 -45.95 -48.32 30.10
CA TYR C 202 -45.30 -48.46 31.40
C TYR C 202 -45.25 -49.96 31.72
N PHE C 203 -44.24 -50.63 31.18
CA PHE C 203 -44.07 -52.07 31.33
C PHE C 203 -43.67 -52.44 32.76
N SER C 204 -43.37 -53.73 32.94
CA SER C 204 -43.00 -54.32 34.23
C SER C 204 -44.14 -54.18 35.26
N MET D 3 -43.43 -16.66 -10.62
CA MET D 3 -43.85 -15.40 -11.24
C MET D 3 -42.64 -14.67 -11.81
N ARG D 4 -42.36 -13.47 -11.31
CA ARG D 4 -41.26 -12.67 -11.83
C ARG D 4 -39.97 -12.74 -11.05
N ARG D 5 -38.91 -12.31 -11.69
CA ARG D 5 -37.60 -12.31 -11.09
C ARG D 5 -37.48 -11.33 -9.98
N ARG D 6 -36.81 -11.75 -8.92
CA ARG D 6 -36.63 -10.88 -7.76
C ARG D 6 -35.13 -10.82 -7.48
N PRO D 7 -34.62 -9.84 -6.72
CA PRO D 7 -33.19 -9.84 -6.39
C PRO D 7 -32.85 -10.98 -5.44
N ILE D 8 -31.59 -11.38 -5.48
CA ILE D 8 -31.13 -12.50 -4.67
C ILE D 8 -30.84 -12.00 -3.27
N ARG D 9 -31.13 -12.83 -2.27
CA ARG D 9 -30.89 -12.52 -0.87
C ARG D 9 -29.86 -13.49 -0.35
N VAL D 10 -28.74 -12.99 0.16
CA VAL D 10 -27.56 -13.81 0.41
C VAL D 10 -27.14 -13.73 1.87
N LEU D 11 -26.91 -14.89 2.46
CA LEU D 11 -26.22 -15.00 3.74
C LEU D 11 -24.83 -15.48 3.42
N SER D 12 -23.81 -14.75 3.84
CA SER D 12 -22.44 -15.11 3.50
C SER D 12 -21.59 -15.20 4.75
N LEU D 13 -21.06 -16.39 5.05
CA LEU D 13 -20.36 -16.64 6.29
C LEU D 13 -18.86 -16.75 6.04
N PHE D 14 -18.07 -16.13 6.91
CA PHE D 14 -16.65 -16.05 6.65
C PHE D 14 -16.40 -15.29 5.34
N ASP D 15 -16.95 -14.11 5.25
CA ASP D 15 -17.08 -13.42 3.97
C ASP D 15 -15.73 -12.93 3.41
N GLY D 16 -14.73 -12.67 4.27
CA GLY D 16 -13.44 -12.20 3.76
C GLY D 16 -13.56 -10.83 3.10
N ILE D 17 -13.11 -10.74 1.86
CA ILE D 17 -13.16 -9.44 1.22
C ILE D 17 -14.34 -9.39 0.26
N ALA D 18 -15.45 -10.01 0.66
CA ALA D 18 -16.74 -9.87 -0.03
C ALA D 18 -16.69 -10.35 -1.47
N THR D 19 -15.89 -11.38 -1.77
CA THR D 19 -15.86 -11.95 -3.13
C THR D 19 -17.25 -12.34 -3.61
N GLY D 20 -18.03 -12.96 -2.73
CA GLY D 20 -19.39 -13.33 -3.07
C GLY D 20 -20.18 -12.19 -3.67
N TYR D 21 -20.19 -11.04 -2.99
CA TYR D 21 -20.89 -9.88 -3.51
C TYR D 21 -20.31 -9.42 -4.84
N LEU D 22 -18.99 -9.28 -4.91
CA LEU D 22 -18.36 -8.79 -6.14
C LEU D 22 -18.70 -9.67 -7.32
N VAL D 23 -18.71 -10.99 -7.13
CA VAL D 23 -18.98 -11.88 -8.27
C VAL D 23 -20.43 -11.76 -8.71
N LEU D 24 -21.36 -11.72 -7.76
CA LEU D 24 -22.75 -11.52 -8.12
C LEU D 24 -22.92 -10.22 -8.87
N LYS D 25 -22.32 -9.12 -8.35
CA LYS D 25 -22.42 -7.82 -9.04
C LYS D 25 -21.82 -7.89 -10.43
N GLU D 26 -20.71 -8.61 -10.57
CA GLU D 26 -20.03 -8.68 -11.85
C GLU D 26 -20.82 -9.47 -12.87
N LEU D 27 -21.65 -10.41 -12.43
CA LEU D 27 -22.54 -11.16 -13.29
C LEU D 27 -23.81 -10.43 -13.63
N GLY D 28 -24.06 -9.28 -13.01
CA GLY D 28 -25.25 -8.53 -13.32
C GLY D 28 -26.48 -8.93 -12.55
N ILE D 29 -26.34 -9.65 -11.44
CA ILE D 29 -27.48 -10.07 -10.63
C ILE D 29 -27.83 -8.98 -9.62
N LYS D 30 -29.10 -8.58 -9.59
CA LYS D 30 -29.54 -7.65 -8.56
C LYS D 30 -29.37 -8.27 -7.18
N VAL D 31 -28.70 -7.58 -6.28
CA VAL D 31 -28.53 -8.11 -4.94
C VAL D 31 -29.46 -7.34 -4.01
N GLY D 32 -30.45 -8.03 -3.47
CA GLY D 32 -31.39 -7.38 -2.57
C GLY D 32 -30.90 -7.27 -1.13
N LYS D 33 -30.23 -8.31 -0.64
CA LYS D 33 -29.72 -8.28 0.72
C LYS D 33 -28.47 -9.14 0.74
N TYR D 34 -27.42 -8.63 1.37
CA TYR D 34 -26.20 -9.42 1.49
C TYR D 34 -25.72 -9.26 2.92
N VAL D 35 -26.02 -10.25 3.75
CA VAL D 35 -25.59 -10.28 5.15
C VAL D 35 -24.28 -11.06 5.23
N ALA D 36 -23.22 -10.41 5.75
CA ALA D 36 -21.90 -11.02 5.80
C ALA D 36 -21.43 -11.11 7.24
N SER D 37 -20.94 -12.30 7.59
CA SER D 37 -20.38 -12.59 8.90
C SER D 37 -18.89 -12.63 8.75
N GLU D 38 -18.20 -11.80 9.51
CA GLU D 38 -16.79 -11.60 9.31
C GLU D 38 -16.25 -10.86 10.51
N VAL D 39 -15.03 -11.19 10.85
CA VAL D 39 -14.42 -10.79 12.10
C VAL D 39 -13.18 -9.93 11.93
N CYS D 40 -12.47 -10.00 10.78
CA CYS D 40 -11.23 -9.25 10.60
C CYS D 40 -11.57 -7.81 10.26
N GLU D 41 -10.98 -6.86 10.99
CA GLU D 41 -11.40 -5.49 10.73
C GLU D 41 -10.96 -4.98 9.37
N GLU D 42 -9.79 -5.39 8.87
CA GLU D 42 -9.34 -4.92 7.56
C GLU D 42 -10.18 -5.53 6.45
N SER D 43 -10.56 -6.81 6.59
CA SER D 43 -11.47 -7.41 5.59
C SER D 43 -12.76 -6.61 5.52
N ILE D 44 -13.36 -6.31 6.68
CA ILE D 44 -14.60 -5.56 6.72
C ILE D 44 -14.43 -4.21 6.04
N ALA D 45 -13.32 -3.50 6.30
CA ALA D 45 -13.09 -2.25 5.57
C ALA D 45 -13.14 -2.46 4.06
N VAL D 46 -12.56 -3.56 3.55
CA VAL D 46 -12.56 -3.75 2.10
C VAL D 46 -13.99 -3.86 1.59
N GLY D 47 -14.76 -4.78 2.16
CA GLY D 47 -16.13 -4.97 1.70
C GLY D 47 -16.97 -3.70 1.83
N THR D 48 -16.88 -3.02 3.00
CA THR D 48 -17.53 -1.74 3.21
C THR D 48 -17.24 -0.76 2.09
N VAL D 49 -15.99 -0.34 1.97
CA VAL D 49 -15.59 0.73 1.07
C VAL D 49 -15.78 0.32 -0.39
N LYS D 50 -15.39 -0.89 -0.75
CA LYS D 50 -15.45 -1.23 -2.16
C LYS D 50 -16.90 -1.44 -2.66
N HIS D 51 -17.85 -1.62 -1.75
CA HIS D 51 -19.25 -1.85 -2.09
C HIS D 51 -20.19 -0.85 -1.43
N GLU D 52 -19.69 0.33 -1.03
CA GLU D 52 -20.49 1.51 -0.75
C GLU D 52 -21.60 1.19 0.26
N GLY D 53 -21.28 0.33 1.22
CA GLY D 53 -22.21 0.09 2.32
C GLY D 53 -23.39 -0.81 2.02
N ASN D 54 -23.36 -1.53 0.90
CA ASN D 54 -24.45 -2.42 0.59
C ASN D 54 -24.40 -3.73 1.39
N ILE D 55 -23.24 -4.12 1.92
CA ILE D 55 -23.10 -5.34 2.71
C ILE D 55 -23.50 -5.02 4.14
N LYS D 56 -24.32 -5.89 4.74
CA LYS D 56 -24.76 -5.75 6.13
C LYS D 56 -23.93 -6.70 6.95
N TYR D 57 -23.01 -6.15 7.75
CA TYR D 57 -22.07 -6.97 8.50
C TYR D 57 -22.67 -7.37 9.82
N VAL D 58 -22.36 -8.57 10.29
CA VAL D 58 -23.00 -9.02 11.53
C VAL D 58 -22.00 -9.68 12.48
N ASN D 59 -20.71 -9.55 12.18
CA ASN D 59 -19.67 -9.96 13.12
C ASN D 59 -19.62 -11.47 13.33
N ASP D 60 -19.28 -11.92 14.53
CA ASP D 60 -18.86 -13.31 14.73
C ASP D 60 -19.95 -14.30 14.37
N VAL D 61 -19.62 -15.27 13.50
CA VAL D 61 -20.59 -16.27 13.07
C VAL D 61 -21.22 -16.97 14.25
N ARG D 62 -20.50 -17.11 15.36
CA ARG D 62 -21.01 -17.90 16.46
C ARG D 62 -22.03 -17.19 17.33
N ASN D 63 -22.40 -15.95 16.99
CA ASN D 63 -23.42 -15.19 17.69
C ASN D 63 -24.64 -14.95 16.83
N ILE D 64 -24.68 -15.51 15.63
CA ILE D 64 -25.90 -15.48 14.85
C ILE D 64 -26.88 -16.49 15.44
N THR D 65 -28.10 -16.05 15.76
CA THR D 65 -29.07 -16.89 16.43
C THR D 65 -30.12 -17.45 15.49
N LYS D 66 -30.85 -18.46 15.96
CA LYS D 66 -31.97 -18.99 15.17
C LYS D 66 -32.93 -17.87 14.81
N LYS D 67 -33.17 -16.94 15.73
CA LYS D 67 -34.06 -15.82 15.43
C LYS D 67 -33.44 -14.89 14.41
N ASN D 68 -32.11 -14.70 14.47
CA ASN D 68 -31.43 -13.84 13.49
C ASN D 68 -31.68 -14.32 12.07
N ILE D 69 -31.48 -15.61 11.82
CA ILE D 69 -31.75 -16.16 10.49
C ILE D 69 -33.19 -15.87 10.06
N GLU D 70 -34.18 -16.00 10.98
CA GLU D 70 -35.57 -15.74 10.59
C GLU D 70 -35.78 -14.27 10.22
N GLU D 71 -35.33 -13.35 11.08
CA GLU D 71 -35.62 -11.94 10.80
C GLU D 71 -34.79 -11.41 9.63
N TRP D 72 -33.50 -11.75 9.57
CA TRP D 72 -32.65 -11.29 8.46
C TRP D 72 -33.02 -11.95 7.13
N GLY D 73 -33.60 -13.13 7.19
CA GLY D 73 -34.01 -13.82 6.00
C GLY D 73 -35.34 -13.32 5.48
N PRO D 74 -35.93 -14.08 4.56
CA PRO D 74 -35.45 -15.34 3.98
C PRO D 74 -34.22 -15.13 3.16
N PHE D 75 -33.48 -16.21 2.91
CA PHE D 75 -32.27 -16.17 2.11
C PHE D 75 -32.43 -17.11 0.93
N ASP D 76 -31.84 -16.73 -0.20
CA ASP D 76 -31.81 -17.52 -1.41
C ASP D 76 -30.44 -18.19 -1.62
N LEU D 77 -29.40 -17.68 -0.97
CA LEU D 77 -28.08 -18.20 -1.23
C LEU D 77 -27.28 -18.13 0.06
N VAL D 78 -26.73 -19.26 0.46
CA VAL D 78 -25.95 -19.32 1.69
C VAL D 78 -24.57 -19.82 1.30
N ILE D 79 -23.54 -18.96 1.39
CA ILE D 79 -22.20 -19.32 0.95
C ILE D 79 -21.24 -19.12 2.10
N GLY D 80 -20.16 -19.89 2.07
CA GLY D 80 -19.11 -19.70 3.04
C GLY D 80 -17.87 -20.48 2.68
N GLY D 81 -16.70 -20.02 3.12
CA GLY D 81 -15.48 -20.79 3.07
C GLY D 81 -14.80 -20.61 4.40
N SER D 82 -14.78 -21.62 5.22
CA SER D 82 -14.19 -21.47 6.52
C SER D 82 -12.70 -21.49 6.53
N PRO D 83 -12.17 -21.02 7.63
CA PRO D 83 -10.75 -20.94 7.80
C PRO D 83 -10.07 -22.28 7.65
N CYS D 84 -9.07 -22.28 6.79
CA CYS D 84 -8.33 -23.50 6.54
C CYS D 84 -7.00 -23.52 7.21
N ASN D 85 -6.83 -22.79 8.29
CA ASN D 85 -5.51 -22.81 8.91
C ASN D 85 -5.31 -23.96 9.85
N ASP D 86 -6.37 -24.66 10.17
CA ASP D 86 -6.22 -25.81 11.06
C ASP D 86 -6.59 -27.08 10.34
N LEU D 87 -6.64 -27.02 9.03
CA LEU D 87 -6.99 -28.18 8.23
C LEU D 87 -6.02 -28.41 7.12
N SER D 88 -5.37 -27.35 6.69
CA SER D 88 -4.43 -27.45 5.57
C SER D 88 -3.17 -28.20 5.97
N ASN D 89 -2.50 -28.78 4.98
CA ASN D 89 -1.26 -29.54 5.26
C ASN D 89 -0.11 -28.61 5.60
N VAL D 90 -0.16 -27.34 5.19
CA VAL D 90 0.92 -26.36 5.41
C VAL D 90 1.29 -26.27 6.88
N ASN D 91 0.29 -26.26 7.76
CA ASN D 91 0.46 -26.05 9.18
C ASN D 91 0.77 -27.39 9.87
N PRO D 92 1.97 -27.60 10.39
CA PRO D 92 2.17 -28.79 11.22
C PRO D 92 1.36 -28.72 12.49
N ALA D 93 1.14 -27.53 13.01
CA ALA D 93 0.31 -27.36 14.20
C ALA D 93 -1.17 -27.32 13.84
N ARG D 94 -1.59 -28.06 12.81
CA ARG D 94 -3.01 -28.12 12.50
C ARG D 94 -3.75 -28.83 13.64
N LYS D 95 -4.92 -28.31 13.99
CA LYS D 95 -5.71 -28.84 15.10
C LYS D 95 -6.91 -29.65 14.62
N GLY D 96 -7.04 -29.88 13.31
CA GLY D 96 -8.08 -30.73 12.79
C GLY D 96 -9.44 -30.06 12.64
N LEU D 97 -10.42 -30.91 12.35
CA LEU D 97 -11.76 -30.43 12.09
C LEU D 97 -12.51 -30.08 13.37
N TYR D 98 -12.11 -30.66 14.49
CA TYR D 98 -12.92 -30.58 15.69
C TYR D 98 -12.36 -29.64 16.72
N GLU D 99 -11.24 -28.99 16.43
CA GLU D 99 -10.64 -28.09 17.40
C GLU D 99 -10.12 -26.85 16.70
N GLY D 100 -9.73 -25.87 17.51
CA GLY D 100 -9.20 -24.66 16.92
C GLY D 100 -10.23 -23.98 16.03
N THR D 101 -9.79 -23.53 14.86
CA THR D 101 -10.73 -22.95 13.92
C THR D 101 -11.36 -23.98 12.99
N GLY D 102 -10.93 -25.21 13.05
CA GLY D 102 -11.52 -26.18 12.17
C GLY D 102 -12.96 -26.32 12.48
N ARG D 103 -13.26 -26.31 13.76
CA ARG D 103 -14.60 -26.48 14.27
C ARG D 103 -15.52 -25.36 13.95
N LEU D 104 -15.06 -24.45 13.13
CA LEU D 104 -15.92 -23.39 12.64
C LEU D 104 -16.76 -23.85 11.45
N PHE D 105 -16.38 -24.94 10.80
CA PHE D 105 -17.20 -25.46 9.73
C PHE D 105 -18.60 -25.77 10.25
N PHE D 106 -18.70 -26.40 11.41
CA PHE D 106 -20.00 -26.79 11.90
C PHE D 106 -20.93 -25.61 12.09
N GLU D 107 -20.37 -24.41 12.25
CA GLU D 107 -21.22 -23.22 12.32
C GLU D 107 -21.92 -22.99 10.99
N PHE D 108 -21.21 -23.22 9.89
CA PHE D 108 -21.85 -23.15 8.58
C PHE D 108 -22.88 -24.25 8.41
N TYR D 109 -22.51 -25.50 8.72
CA TYR D 109 -23.50 -26.56 8.70
C TYR D 109 -24.73 -26.15 9.52
N HIS D 110 -24.51 -25.58 10.70
CA HIS D 110 -25.59 -25.24 11.61
C HIS D 110 -26.48 -24.18 10.99
N LEU D 111 -25.87 -23.10 10.46
CA LEU D 111 -26.73 -22.03 9.97
C LEU D 111 -27.32 -22.31 8.61
N LEU D 112 -26.64 -23.09 7.79
CA LEU D 112 -27.28 -23.61 6.59
C LEU D 112 -28.61 -24.28 6.93
N ASN D 113 -28.66 -25.03 8.02
CA ASN D 113 -29.90 -25.74 8.30
C ASN D 113 -30.98 -24.81 8.82
N TYR D 114 -30.58 -23.74 9.51
CA TYR D 114 -31.56 -22.79 10.01
C TYR D 114 -32.26 -22.08 8.88
N SER D 115 -31.50 -21.73 7.83
CA SER D 115 -31.99 -20.93 6.71
C SER D 115 -32.58 -21.75 5.57
N ARG D 116 -32.47 -23.04 5.60
CA ARG D 116 -33.06 -23.85 4.57
C ARG D 116 -34.57 -23.82 4.67
N PRO D 117 -35.25 -23.67 3.54
CA PRO D 117 -36.72 -23.70 3.59
C PRO D 117 -37.19 -25.06 4.07
N LYS D 118 -38.47 -25.10 4.46
CA LYS D 118 -39.08 -26.31 5.04
C LYS D 118 -39.64 -27.14 3.88
N GLU D 119 -40.24 -28.30 4.18
CA GLU D 119 -40.55 -29.21 3.08
C GLU D 119 -41.73 -28.74 2.24
N GLY D 120 -42.66 -28.00 2.87
CA GLY D 120 -43.75 -27.41 2.14
C GLY D 120 -43.37 -26.34 1.14
N ASP D 121 -42.18 -25.77 1.29
CA ASP D 121 -41.65 -24.70 0.44
C ASP D 121 -40.81 -25.25 -0.71
N ASP D 122 -41.30 -25.07 -1.94
CA ASP D 122 -40.60 -25.51 -3.15
C ASP D 122 -39.76 -24.40 -3.77
N ARG D 123 -39.55 -23.30 -3.04
CA ARG D 123 -38.89 -22.11 -3.60
C ARG D 123 -37.41 -22.42 -3.82
N PRO D 124 -36.77 -21.68 -4.74
CA PRO D 124 -35.35 -21.95 -5.04
C PRO D 124 -34.46 -21.58 -3.85
N PHE D 125 -33.53 -22.47 -3.51
CA PHE D 125 -32.59 -22.22 -2.42
C PHE D 125 -31.24 -22.82 -2.80
N PHE D 126 -30.18 -22.00 -2.82
CA PHE D 126 -28.86 -22.44 -3.26
C PHE D 126 -27.82 -22.21 -2.19
N TRP D 127 -26.81 -23.09 -2.12
CA TRP D 127 -25.77 -22.94 -1.10
C TRP D 127 -24.47 -23.54 -1.62
N MET D 128 -23.36 -23.05 -1.08
CA MET D 128 -22.06 -23.55 -1.45
C MET D 128 -21.09 -23.35 -0.30
N PHE D 129 -20.24 -24.35 -0.09
CA PHE D 129 -19.20 -24.30 0.91
C PHE D 129 -17.88 -24.68 0.26
N GLU D 130 -16.84 -23.91 0.56
CA GLU D 130 -15.54 -24.10 -0.05
C GLU D 130 -14.52 -24.44 1.01
N ASN D 131 -13.58 -25.32 0.67
CA ASN D 131 -12.40 -25.46 1.51
C ASN D 131 -11.27 -26.06 0.69
N VAL D 132 -10.09 -26.15 1.33
CA VAL D 132 -8.88 -26.56 0.62
C VAL D 132 -8.93 -28.04 0.31
N VAL D 133 -8.10 -28.45 -0.64
CA VAL D 133 -7.88 -29.87 -0.86
C VAL D 133 -6.83 -30.44 0.10
N ALA D 134 -5.82 -29.64 0.47
CA ALA D 134 -4.72 -30.17 1.28
C ALA D 134 -5.18 -30.50 2.70
N MET D 135 -6.03 -31.51 2.88
CA MET D 135 -6.71 -31.73 4.16
C MET D 135 -6.90 -33.22 4.37
N LYS D 136 -6.91 -33.64 5.64
CA LYS D 136 -7.00 -35.07 5.94
C LYS D 136 -8.26 -35.71 5.32
N VAL D 137 -8.12 -36.98 4.93
CA VAL D 137 -9.25 -37.68 4.31
C VAL D 137 -10.42 -37.76 5.29
N GLY D 138 -10.15 -38.02 6.58
CA GLY D 138 -11.24 -38.05 7.55
C GLY D 138 -12.01 -36.75 7.62
N ASP D 139 -11.30 -35.61 7.51
CA ASP D 139 -11.98 -34.31 7.50
C ASP D 139 -12.84 -34.15 6.23
N LYS D 140 -12.25 -34.44 5.06
CA LYS D 140 -13.04 -34.42 3.83
C LYS D 140 -14.25 -35.34 3.93
N ARG D 141 -14.13 -36.48 4.63
CA ARG D 141 -15.26 -37.37 4.75
C ARG D 141 -16.32 -36.76 5.68
N ASP D 142 -15.91 -36.22 6.81
CA ASP D 142 -16.90 -35.72 7.76
C ASP D 142 -17.61 -34.48 7.23
N ILE D 143 -16.91 -33.59 6.55
CA ILE D 143 -17.63 -32.46 5.96
C ILE D 143 -18.68 -32.95 4.97
N SER D 144 -18.34 -33.94 4.15
CA SER D 144 -19.35 -34.50 3.26
C SER D 144 -20.41 -35.29 3.99
N ARG D 145 -20.18 -35.61 5.26
CA ARG D 145 -21.20 -36.30 6.03
C ARG D 145 -22.26 -35.32 6.50
N PHE D 146 -21.82 -34.11 6.89
CA PHE D 146 -22.71 -33.13 7.49
C PHE D 146 -23.49 -32.35 6.45
N LEU D 147 -22.86 -32.01 5.32
CA LEU D 147 -23.54 -31.39 4.20
C LEU D 147 -24.21 -32.41 3.29
N GLU D 148 -23.96 -33.69 3.49
CA GLU D 148 -24.71 -34.74 2.84
C GLU D 148 -24.48 -34.80 1.33
N CYS D 149 -23.28 -34.48 0.87
CA CYS D 149 -23.00 -34.62 -0.55
C CYS D 149 -21.50 -34.56 -0.70
N ASN D 150 -21.02 -34.92 -1.86
CA ASN D 150 -19.61 -34.87 -2.18
C ASN D 150 -19.25 -33.57 -2.90
N PRO D 151 -17.98 -33.17 -2.87
CA PRO D 151 -17.59 -31.90 -3.47
C PRO D 151 -17.11 -32.06 -4.91
N VAL D 152 -17.11 -30.96 -5.59
CA VAL D 152 -16.37 -30.80 -6.82
C VAL D 152 -14.98 -30.32 -6.47
N MET D 153 -14.00 -30.72 -7.26
CA MET D 153 -12.68 -30.10 -7.19
C MET D 153 -12.52 -29.20 -8.42
N ILE D 154 -12.30 -27.93 -8.17
CA ILE D 154 -11.94 -26.98 -9.21
C ILE D 154 -10.61 -26.34 -8.81
N ASP D 155 -9.62 -26.43 -9.71
CA ASP D 155 -8.32 -25.76 -9.56
C ASP D 155 -8.39 -24.46 -10.35
N ALA D 156 -8.07 -23.34 -9.70
CA ALA D 156 -8.09 -22.06 -10.41
C ALA D 156 -7.13 -22.02 -11.60
N ILE D 157 -6.17 -22.94 -11.68
CA ILE D 157 -5.20 -22.86 -12.77
C ILE D 157 -5.87 -22.93 -14.13
N LYS D 158 -7.10 -23.44 -14.22
CA LYS D 158 -7.78 -23.49 -15.52
C LYS D 158 -8.27 -22.10 -15.99
N VAL D 159 -8.34 -21.08 -15.12
CA VAL D 159 -8.92 -19.79 -15.50
C VAL D 159 -8.11 -18.62 -14.98
N SER D 160 -6.94 -18.87 -14.42
CA SER D 160 -6.15 -17.82 -13.80
C SER D 160 -4.69 -18.17 -13.98
N ALA D 161 -3.81 -17.32 -13.47
CA ALA D 161 -2.39 -17.60 -13.62
C ALA D 161 -1.81 -18.33 -12.43
N ALA D 162 -2.63 -18.84 -11.53
CA ALA D 162 -2.11 -19.48 -10.32
C ALA D 162 -2.73 -20.83 -10.12
N HIS D 163 -1.93 -21.77 -9.59
CA HIS D 163 -2.48 -22.95 -8.95
C HIS D 163 -3.34 -22.56 -7.78
N ARG D 164 -4.47 -23.27 -7.62
CA ARG D 164 -5.31 -23.14 -6.45
C ARG D 164 -6.39 -24.22 -6.48
N ALA D 165 -6.09 -25.41 -5.94
CA ALA D 165 -7.05 -26.50 -5.93
C ALA D 165 -7.92 -26.38 -4.69
N ARG D 166 -9.21 -26.26 -4.90
CA ARG D 166 -10.18 -26.13 -3.83
C ARG D 166 -11.30 -27.13 -4.03
N TYR D 167 -11.96 -27.50 -2.92
CA TYR D 167 -13.17 -28.33 -2.91
C TYR D 167 -14.37 -27.40 -2.77
N PHE D 168 -15.45 -27.71 -3.49
CA PHE D 168 -16.69 -26.96 -3.41
C PHE D 168 -17.83 -27.94 -3.21
N TRP D 169 -18.50 -27.84 -2.07
CA TRP D 169 -19.73 -28.56 -1.83
C TRP D 169 -20.91 -27.66 -2.11
N GLY D 170 -22.03 -28.23 -2.52
CA GLY D 170 -23.21 -27.40 -2.66
C GLY D 170 -24.24 -28.01 -3.60
N ASN D 171 -25.23 -27.16 -3.94
CA ASN D 171 -26.35 -27.56 -4.79
C ASN D 171 -26.60 -26.58 -5.94
N LEU D 172 -25.61 -25.79 -6.35
CA LEU D 172 -25.79 -24.92 -7.48
C LEU D 172 -25.94 -25.73 -8.77
N PRO D 173 -26.59 -25.16 -9.78
CA PRO D 173 -26.71 -25.86 -11.06
C PRO D 173 -25.36 -26.00 -11.73
N GLY D 174 -25.11 -27.19 -12.28
CA GLY D 174 -23.96 -27.42 -13.13
C GLY D 174 -22.60 -27.33 -12.47
N MET D 175 -22.48 -27.72 -11.20
CA MET D 175 -21.19 -27.62 -10.51
C MET D 175 -20.20 -28.65 -10.97
N ASN D 176 -20.65 -29.70 -11.62
CA ASN D 176 -19.77 -30.70 -12.10
C ASN D 176 -19.39 -30.50 -13.54
N ARG D 177 -19.90 -29.48 -14.18
CA ARG D 177 -19.64 -29.25 -15.60
C ARG D 177 -18.18 -28.84 -15.81
N PRO D 178 -17.69 -28.93 -17.06
CA PRO D 178 -16.29 -28.59 -17.33
C PRO D 178 -16.05 -27.09 -17.22
N VAL D 179 -14.87 -26.76 -16.67
CA VAL D 179 -14.40 -25.39 -16.55
C VAL D 179 -13.65 -24.98 -17.82
N ILE D 180 -14.22 -24.07 -18.60
CA ILE D 180 -13.57 -23.55 -19.78
C ILE D 180 -13.25 -22.09 -19.55
N ALA D 181 -12.06 -21.67 -19.96
CA ALA D 181 -11.62 -20.33 -19.72
C ALA D 181 -12.40 -19.33 -20.57
N SER D 182 -12.48 -18.10 -20.08
CA SER D 182 -13.17 -17.04 -20.80
C SER D 182 -12.14 -16.14 -21.53
N LYS D 183 -12.66 -15.22 -22.34
CA LYS D 183 -11.77 -14.43 -23.19
C LYS D 183 -10.95 -13.47 -22.36
N ASN D 184 -11.54 -12.92 -21.31
CA ASN D 184 -10.90 -11.93 -20.47
C ASN D 184 -10.05 -12.52 -19.37
N ASP D 185 -9.95 -13.83 -19.29
CA ASP D 185 -9.17 -14.45 -18.24
C ASP D 185 -7.69 -14.26 -18.49
N LYS D 186 -7.00 -13.73 -17.49
CA LYS D 186 -5.56 -13.56 -17.51
C LYS D 186 -4.94 -14.89 -17.14
N LEU D 187 -4.65 -15.69 -18.17
CA LEU D 187 -4.30 -17.08 -17.92
C LEU D 187 -2.83 -17.31 -17.66
N GLU D 188 -1.98 -16.32 -17.94
CA GLU D 188 -0.55 -16.45 -17.74
C GLU D 188 -0.08 -15.29 -16.89
N LEU D 189 0.96 -15.55 -16.11
CA LEU D 189 1.46 -14.51 -15.22
C LEU D 189 1.78 -13.23 -15.98
N GLN D 190 2.29 -13.30 -17.21
CA GLN D 190 2.60 -12.05 -17.88
C GLN D 190 1.37 -11.16 -18.00
N ASP D 191 0.18 -11.74 -18.15
CA ASP D 191 -1.03 -10.94 -18.30
C ASP D 191 -1.33 -10.10 -17.08
N CYS D 192 -0.88 -10.53 -15.92
CA CYS D 192 -1.14 -9.89 -14.65
C CYS D 192 -0.18 -8.76 -14.31
N LEU D 193 1.04 -8.80 -14.84
CA LEU D 193 2.12 -7.91 -14.40
C LEU D 193 1.93 -6.46 -14.90
N GLU D 194 2.54 -5.52 -14.19
CA GLU D 194 2.48 -4.09 -14.54
C GLU D 194 3.45 -3.80 -15.68
N TYR D 195 3.49 -2.56 -16.15
CA TYR D 195 4.32 -2.25 -17.31
C TYR D 195 5.81 -2.33 -16.93
N ASN D 196 6.65 -2.78 -17.90
CA ASN D 196 8.10 -2.92 -17.74
C ASN D 196 8.50 -4.04 -16.77
N ARG D 197 7.68 -5.05 -16.60
CA ARG D 197 8.05 -6.20 -15.79
C ARG D 197 7.88 -7.48 -16.59
N ILE D 198 8.77 -8.44 -16.32
CA ILE D 198 8.87 -9.69 -17.08
C ILE D 198 8.53 -10.85 -16.15
N ALA D 199 7.62 -11.71 -16.59
CA ALA D 199 7.27 -12.93 -15.89
C ALA D 199 8.23 -14.04 -16.26
N LYS D 200 8.84 -14.68 -15.27
CA LYS D 200 9.67 -15.85 -15.52
C LYS D 200 8.85 -17.09 -15.84
N LEU D 201 7.70 -17.25 -15.19
CA LEU D 201 6.86 -18.43 -15.36
C LEU D 201 5.44 -18.09 -15.79
N LYS D 202 4.78 -19.06 -16.42
CA LYS D 202 3.44 -18.81 -16.92
C LYS D 202 2.35 -18.98 -15.86
N LYS D 203 2.57 -19.90 -14.93
CA LYS D 203 1.65 -20.17 -13.83
C LYS D 203 2.43 -20.25 -12.53
N VAL D 204 1.93 -19.58 -11.48
CA VAL D 204 2.60 -19.57 -10.20
C VAL D 204 1.95 -20.58 -9.24
N GLN D 205 2.74 -21.03 -8.25
CA GLN D 205 2.30 -21.98 -7.23
C GLN D 205 1.26 -21.32 -6.31
N THR D 206 0.48 -22.17 -5.63
CA THR D 206 -0.62 -21.67 -4.81
C THR D 206 -0.14 -20.57 -3.88
N ILE D 207 -0.83 -19.43 -3.97
CA ILE D 207 -0.55 -18.26 -3.15
C ILE D 207 -1.24 -18.41 -1.79
N THR D 208 -0.45 -18.30 -0.73
CA THR D 208 -0.95 -18.32 0.63
C THR D 208 -0.81 -16.93 1.23
N THR D 209 -1.07 -16.81 2.53
CA THR D 209 -0.95 -15.53 3.20
C THR D 209 0.45 -15.10 3.50
N LYS D 210 1.41 -16.03 3.38
CA LYS D 210 2.81 -15.73 3.66
C LYS D 210 3.50 -15.24 2.40
N SER D 211 4.68 -14.64 2.57
CA SER D 211 5.43 -14.14 1.42
C SER D 211 6.27 -15.20 0.73
N ASN D 212 6.41 -16.36 1.36
CA ASN D 212 7.19 -17.46 0.81
C ASN D 212 6.51 -18.09 -0.40
N SER D 213 5.18 -18.06 -0.43
CA SER D 213 4.41 -18.63 -1.52
C SER D 213 4.64 -17.89 -2.83
N ILE D 214 5.13 -16.64 -2.77
CA ILE D 214 5.33 -15.87 -3.99
C ILE D 214 6.59 -16.32 -4.71
N LYS D 215 7.64 -16.68 -3.99
CA LYS D 215 8.84 -17.14 -4.67
C LYS D 215 8.76 -18.64 -4.94
N GLN D 216 9.06 -19.01 -6.18
CA GLN D 216 8.58 -20.27 -6.73
C GLN D 216 9.48 -21.47 -6.45
N GLY D 217 8.85 -22.62 -6.24
CA GLY D 217 9.53 -23.90 -6.26
C GLY D 217 10.24 -24.29 -4.97
N LYS D 218 11.10 -25.31 -5.14
CA LYS D 218 11.87 -25.93 -4.04
C LYS D 218 13.05 -25.07 -3.58
N ASN D 219 13.57 -24.19 -4.43
CA ASN D 219 14.69 -23.32 -4.07
C ASN D 219 14.34 -21.83 -4.04
N GLN D 220 13.05 -21.48 -4.07
CA GLN D 220 12.53 -20.14 -3.77
C GLN D 220 13.09 -19.04 -4.70
N LEU D 221 12.71 -19.17 -5.97
CA LEU D 221 13.09 -18.27 -7.05
C LEU D 221 12.09 -17.11 -7.17
N PHE D 222 12.60 -15.92 -7.50
CA PHE D 222 11.77 -14.73 -7.70
C PHE D 222 10.97 -14.85 -9.00
N PRO D 223 9.70 -14.42 -8.98
CA PRO D 223 8.84 -14.63 -10.15
C PRO D 223 9.03 -13.64 -11.28
N VAL D 224 9.64 -12.50 -11.02
CA VAL D 224 9.56 -11.35 -11.92
C VAL D 224 10.96 -10.84 -12.13
N VAL D 225 11.20 -10.28 -13.29
CA VAL D 225 12.40 -9.52 -13.54
C VAL D 225 11.95 -8.13 -13.91
N MET D 226 12.54 -7.12 -13.28
CA MET D 226 12.31 -5.72 -13.62
C MET D 226 13.64 -5.02 -13.72
N ASN D 227 13.84 -4.31 -14.82
CA ASN D 227 15.07 -3.55 -15.04
C ASN D 227 16.31 -4.39 -14.76
N GLY D 228 16.26 -5.66 -15.13
CA GLY D 228 17.41 -6.50 -14.94
C GLY D 228 17.47 -7.19 -13.61
N LYS D 229 16.80 -6.67 -12.58
CA LYS D 229 16.93 -7.33 -11.29
C LYS D 229 15.68 -8.15 -11.00
N GLU D 230 15.85 -9.13 -10.13
CA GLU D 230 14.75 -10.00 -9.75
C GLU D 230 13.84 -9.29 -8.76
N ASP D 231 12.57 -9.67 -8.74
CA ASP D 231 11.62 -9.04 -7.87
C ASP D 231 10.50 -10.00 -7.51
N VAL D 232 9.86 -9.72 -6.40
CA VAL D 232 8.62 -10.42 -6.07
C VAL D 232 7.42 -9.75 -6.73
N LEU D 233 6.23 -10.31 -6.51
CA LEU D 233 5.02 -9.74 -7.08
C LEU D 233 4.54 -8.56 -6.28
N TRP D 234 3.94 -7.61 -6.97
CA TRP D 234 3.26 -6.44 -6.40
C TRP D 234 1.78 -6.75 -6.07
N CYS D 235 1.17 -5.90 -5.26
CA CYS D 235 -0.19 -6.22 -4.83
C CYS D 235 -1.21 -6.04 -5.91
N THR D 236 -1.03 -5.07 -6.77
CA THR D 236 -1.87 -5.03 -7.94
C THR D 236 -1.71 -6.29 -8.75
N GLU D 237 -0.50 -6.82 -8.82
CA GLU D 237 -0.31 -8.04 -9.60
C GLU D 237 -0.98 -9.23 -8.94
N LEU D 238 -0.94 -9.30 -7.60
CA LEU D 238 -1.66 -10.35 -6.89
C LEU D 238 -3.15 -10.24 -7.11
N GLU D 239 -3.66 -9.03 -7.02
CA GLU D 239 -5.07 -8.77 -7.28
C GLU D 239 -5.48 -9.29 -8.65
N ARG D 240 -4.62 -9.14 -9.68
CA ARG D 240 -4.97 -9.59 -11.03
C ARG D 240 -4.91 -11.10 -11.12
N ILE D 241 -3.96 -11.73 -10.45
CA ILE D 241 -3.89 -13.18 -10.48
C ILE D 241 -5.15 -13.79 -9.89
N PHE D 242 -5.61 -13.26 -8.76
CA PHE D 242 -6.85 -13.72 -8.16
C PHE D 242 -8.05 -13.26 -8.96
N GLY D 243 -7.88 -12.33 -9.86
CA GLY D 243 -9.03 -11.86 -10.58
C GLY D 243 -9.85 -10.79 -9.93
N PHE D 244 -9.33 -10.15 -8.86
CA PHE D 244 -9.98 -8.98 -8.28
C PHE D 244 -9.68 -7.72 -9.12
N PRO D 245 -10.53 -6.71 -9.06
CA PRO D 245 -10.17 -5.44 -9.70
C PRO D 245 -8.90 -4.92 -9.09
N VAL D 246 -8.07 -4.23 -9.87
CA VAL D 246 -6.82 -3.75 -9.27
C VAL D 246 -7.18 -2.68 -8.22
N HIS D 247 -6.33 -2.56 -7.22
CA HIS D 247 -6.54 -1.71 -6.06
C HIS D 247 -7.73 -2.12 -5.18
N TYR D 248 -8.31 -3.27 -5.41
CA TYR D 248 -9.41 -3.70 -4.57
C TYR D 248 -9.01 -3.72 -3.12
N THR D 249 -7.74 -3.97 -2.81
CA THR D 249 -7.34 -4.03 -1.43
C THR D 249 -6.50 -2.85 -1.03
N ASP D 250 -6.42 -1.82 -1.88
CA ASP D 250 -5.72 -0.59 -1.53
C ASP D 250 -6.59 0.21 -0.56
N VAL D 251 -6.75 -0.33 0.64
CA VAL D 251 -7.69 0.19 1.62
C VAL D 251 -6.99 0.19 2.98
N SER D 252 -7.39 1.15 3.82
CA SER D 252 -7.11 1.12 5.24
C SER D 252 -5.61 1.18 5.52
N ASN D 253 -4.88 1.93 4.70
CA ASN D 253 -3.44 2.04 4.86
C ASN D 253 -2.72 0.68 4.87
N MET D 254 -3.34 -0.40 4.40
CA MET D 254 -2.65 -1.70 4.43
C MET D 254 -1.43 -1.71 3.51
N GLY D 255 -0.38 -2.40 3.93
CA GLY D 255 0.81 -2.60 3.11
C GLY D 255 0.84 -3.98 2.47
N ARG D 256 2.04 -4.34 1.96
CA ARG D 256 2.29 -5.60 1.23
C ARG D 256 1.78 -6.81 2.00
N GLY D 257 2.18 -6.93 3.26
CA GLY D 257 1.84 -8.11 4.01
C GLY D 257 0.37 -8.20 4.32
N ALA D 258 -0.25 -7.10 4.72
CA ALA D 258 -1.68 -7.17 5.01
C ALA D 258 -2.47 -7.47 3.75
N ARG D 259 -2.13 -6.82 2.64
CA ARG D 259 -2.93 -7.10 1.45
C ARG D 259 -2.73 -8.55 1.00
N GLN D 260 -1.49 -9.08 1.12
CA GLN D 260 -1.32 -10.47 0.75
C GLN D 260 -2.07 -11.39 1.67
N LYS D 261 -2.21 -11.06 2.95
CA LYS D 261 -2.96 -11.95 3.81
C LYS D 261 -4.42 -12.00 3.39
N LEU D 262 -5.06 -10.84 3.15
CA LEU D 262 -6.44 -10.86 2.67
C LEU D 262 -6.54 -11.63 1.36
N LEU D 263 -5.65 -11.35 0.41
CA LEU D 263 -5.77 -12.02 -0.87
C LEU D 263 -5.37 -13.47 -0.79
N GLY D 264 -4.41 -13.78 0.06
CA GLY D 264 -3.92 -15.13 0.15
C GLY D 264 -4.98 -16.08 0.61
N ARG D 265 -5.91 -15.62 1.44
CA ARG D 265 -6.94 -16.55 1.88
C ARG D 265 -8.25 -16.45 1.12
N SER D 266 -8.30 -15.75 0.01
CA SER D 266 -9.60 -15.53 -0.60
C SER D 266 -9.91 -16.58 -1.66
N TRP D 267 -11.01 -16.37 -2.35
CA TRP D 267 -11.40 -17.21 -3.45
C TRP D 267 -10.83 -16.67 -4.75
N SER D 268 -10.70 -17.55 -5.73
CA SER D 268 -10.33 -17.12 -7.06
C SER D 268 -11.57 -16.56 -7.72
N VAL D 269 -11.59 -15.27 -8.04
CA VAL D 269 -12.82 -14.70 -8.57
C VAL D 269 -13.31 -15.47 -9.79
N PRO D 270 -12.47 -15.77 -10.79
CA PRO D 270 -12.97 -16.49 -11.95
C PRO D 270 -13.55 -17.84 -11.61
N VAL D 271 -13.02 -18.54 -10.62
CA VAL D 271 -13.65 -19.81 -10.26
C VAL D 271 -15.04 -19.57 -9.71
N ILE D 272 -15.17 -18.59 -8.80
CA ILE D 272 -16.47 -18.29 -8.22
C ILE D 272 -17.42 -17.79 -9.31
N ARG D 273 -16.94 -16.97 -10.21
CA ARG D 273 -17.87 -16.57 -11.24
C ARG D 273 -18.38 -17.83 -11.96
N HIS D 274 -17.53 -18.77 -12.32
CA HIS D 274 -18.03 -19.97 -13.00
C HIS D 274 -19.12 -20.67 -12.17
N LEU D 275 -18.93 -20.76 -10.86
CA LEU D 275 -19.87 -21.50 -10.04
C LEU D 275 -21.19 -20.75 -9.89
N PHE D 276 -21.14 -19.43 -9.70
CA PHE D 276 -22.36 -18.66 -9.53
C PHE D 276 -23.10 -18.38 -10.84
N ALA D 277 -22.44 -18.49 -11.99
CA ALA D 277 -23.05 -18.07 -13.25
C ALA D 277 -24.41 -18.70 -13.53
N PRO D 278 -24.66 -19.98 -13.25
CA PRO D 278 -26.01 -20.51 -13.46
C PRO D 278 -27.11 -19.80 -12.67
N LEU D 279 -26.82 -18.87 -11.74
CA LEU D 279 -27.89 -18.23 -10.97
C LEU D 279 -28.59 -17.11 -11.71
N LYS D 280 -28.04 -16.64 -12.84
CA LYS D 280 -28.63 -15.51 -13.57
C LYS D 280 -30.07 -15.80 -13.96
N ASP D 281 -30.40 -17.08 -14.15
CA ASP D 281 -31.74 -17.42 -14.62
C ASP D 281 -32.73 -17.66 -13.49
N TYR D 282 -32.36 -17.36 -12.23
CA TYR D 282 -33.26 -17.55 -11.11
C TYR D 282 -33.59 -16.26 -10.35
N PHE D 283 -32.81 -15.20 -10.55
CA PHE D 283 -32.99 -13.95 -9.84
C PHE D 283 -32.92 -12.80 -10.83
N ALA D 284 -33.29 -11.61 -10.38
CA ALA D 284 -33.34 -10.47 -11.26
C ALA D 284 -31.96 -10.02 -11.72
N CYS D 285 -31.92 -9.48 -12.93
CA CYS D 285 -30.71 -9.02 -13.57
C CYS D 285 -30.75 -7.51 -13.72
N GLU D 286 -29.60 -6.90 -14.01
CA GLU D 286 -29.54 -5.48 -14.33
C GLU D 286 -29.20 -5.31 -15.79
#